data_4Y0U
#
_entry.id   4Y0U
#
_cell.length_a   36.943
_cell.length_b   65.659
_cell.length_c   191.594
_cell.angle_alpha   90.00
_cell.angle_beta   91.70
_cell.angle_gamma   90.00
#
_symmetry.space_group_name_H-M   'P 1 21 1'
#
loop_
_entity.id
_entity.type
_entity.pdbx_description
1 polymer Beta-lactamase
2 non-polymer '2-(1-CARBOXY-2-HYDROXY-ETHYL)-5,5-DIMETHYL-THIAZOLIDINE-4-CARBOXYLIC ACID'
3 water water
#
_entity_poly.entity_id   1
_entity_poly.type   'polypeptide(L)'
_entity_poly.pdbx_seq_one_letter_code
;MKLLKILSLVCLSISIGACAEHSMSRAKTSTIPQVNNSIIDQNVQALFNEISADAVFVTYDGQNIKKYGTHLDRAKTAYI
PASTF(KCX)IANALIGLENHKATSTEIFKWDGKPRFFKAWDKDFTLGEAMQASTVPVYQELARRIGPSLMQSELQRIGY
GNMQIGTEVDQFWLKGPLTITPIQEVKFVYDLAQGQLPFKPEVQQQVKEMLYVERRGENRLYAKSGWGMAVDPQVGWYVG
FVEKADGQVVAFALNMQMKAGDDIALRKQLSLDVLDKLGVFHYL
;
_entity_poly.pdbx_strand_id   A,B,C,D
#
# COMPACT_ATOMS: atom_id res chain seq x y z
N SER A 38 7.50 -57.24 -18.55
CA SER A 38 8.63 -57.72 -19.45
C SER A 38 8.06 -58.03 -20.85
N ILE A 39 7.11 -58.99 -20.94
CA ILE A 39 6.43 -59.33 -22.25
C ILE A 39 5.59 -58.13 -22.73
N ILE A 40 4.97 -57.38 -21.80
CA ILE A 40 4.27 -56.12 -22.14
C ILE A 40 5.27 -55.25 -22.90
N ASP A 41 6.45 -55.07 -22.30
CA ASP A 41 7.54 -54.28 -22.92
C ASP A 41 7.91 -54.85 -24.31
N GLN A 42 7.92 -56.19 -24.44
CA GLN A 42 8.15 -56.84 -25.77
C GLN A 42 7.02 -56.55 -26.78
N ASN A 43 5.76 -56.72 -26.36
CA ASN A 43 4.55 -56.45 -27.22
C ASN A 43 4.54 -55.03 -27.77
N VAL A 44 5.03 -54.08 -26.97
CA VAL A 44 5.17 -52.68 -27.38
C VAL A 44 6.24 -52.56 -28.48
N GLN A 45 7.44 -53.15 -28.28
CA GLN A 45 8.52 -53.09 -29.30
C GLN A 45 8.09 -53.69 -30.65
N ALA A 46 7.33 -54.79 -30.63
CA ALA A 46 6.80 -55.42 -31.88
C ALA A 46 5.97 -54.45 -32.77
N LEU A 47 5.30 -53.46 -32.15
CA LEU A 47 4.58 -52.41 -32.88
C LEU A 47 5.59 -51.60 -33.71
N PHE A 48 6.72 -51.25 -33.09
CA PHE A 48 7.79 -50.47 -33.76
C PHE A 48 8.50 -51.18 -34.97
N ASN A 49 8.21 -52.47 -35.23
CA ASN A 49 8.71 -53.20 -36.41
C ASN A 49 8.13 -52.60 -37.73
N GLU A 50 6.88 -52.11 -37.67
CA GLU A 50 6.27 -51.35 -38.79
C GLU A 50 7.00 -50.05 -39.09
N ILE A 51 7.43 -49.38 -38.02
CA ILE A 51 7.97 -48.02 -38.09
C ILE A 51 9.41 -47.95 -38.59
N SER A 52 9.56 -47.63 -39.88
CA SER A 52 10.89 -47.44 -40.50
C SER A 52 11.62 -46.21 -39.91
N ALA A 53 10.87 -45.18 -39.55
CA ALA A 53 11.39 -43.94 -38.95
C ALA A 53 12.01 -44.13 -37.57
N ASP A 54 12.91 -43.22 -37.18
CA ASP A 54 13.50 -43.21 -35.81
C ASP A 54 12.41 -42.67 -34.90
N ALA A 55 12.17 -43.38 -33.80
CA ALA A 55 11.10 -43.01 -32.86
C ALA A 55 11.39 -43.42 -31.43
N VAL A 56 10.72 -42.74 -30.51
CA VAL A 56 10.79 -43.07 -29.07
C VAL A 56 9.43 -42.73 -28.43
N PHE A 57 8.99 -43.56 -27.49
CA PHE A 57 7.72 -43.39 -26.77
C PHE A 57 8.09 -43.44 -25.29
N VAL A 58 7.97 -42.31 -24.62
CA VAL A 58 8.30 -42.16 -23.22
C VAL A 58 7.02 -42.09 -22.39
N THR A 59 6.97 -42.83 -21.28
CA THR A 59 5.86 -42.80 -20.32
C THR A 59 6.40 -42.37 -18.96
N TYR A 60 5.48 -41.87 -18.12
CA TYR A 60 5.80 -41.41 -16.75
C TYR A 60 4.57 -41.51 -15.85
N ASP A 61 4.74 -42.07 -14.67
CA ASP A 61 3.65 -42.28 -13.70
C ASP A 61 3.89 -41.53 -12.38
N GLY A 62 4.70 -40.47 -12.42
CA GLY A 62 5.12 -39.72 -11.23
C GLY A 62 6.27 -40.36 -10.44
N GLN A 63 6.85 -41.46 -10.93
CA GLN A 63 7.92 -42.21 -10.25
C GLN A 63 8.95 -42.72 -11.21
N ASN A 64 8.51 -43.56 -12.17
CA ASN A 64 9.35 -44.19 -13.18
C ASN A 64 9.11 -43.74 -14.61
N ILE A 65 10.22 -43.45 -15.29
CA ILE A 65 10.25 -43.16 -16.69
C ILE A 65 10.47 -44.50 -17.36
N LYS A 66 9.74 -44.75 -18.44
CA LYS A 66 9.96 -45.95 -19.29
C LYS A 66 10.11 -45.42 -20.70
N LYS A 67 10.97 -46.08 -21.48
CA LYS A 67 11.29 -45.74 -22.86
C LYS A 67 11.02 -46.91 -23.79
N TYR A 68 10.45 -46.62 -24.95
CA TYR A 68 10.13 -47.60 -25.98
C TYR A 68 10.43 -47.01 -27.35
N GLY A 69 10.54 -47.85 -28.39
CA GLY A 69 10.78 -47.41 -29.75
C GLY A 69 11.95 -47.98 -30.51
N THR A 70 12.14 -47.41 -31.70
CA THR A 70 13.21 -47.78 -32.63
C THR A 70 14.56 -47.10 -32.30
N HIS A 71 14.53 -45.89 -31.70
CA HIS A 71 15.76 -45.16 -31.30
C HIS A 71 15.54 -44.47 -29.92
N LEU A 72 16.04 -45.12 -28.86
CA LEU A 72 15.87 -44.67 -27.43
C LEU A 72 16.64 -43.42 -27.00
N ASP A 73 17.81 -43.12 -27.62
CA ASP A 73 18.54 -41.86 -27.29
C ASP A 73 17.74 -40.58 -27.56
N ARG A 74 16.71 -40.66 -28.43
CA ARG A 74 15.75 -39.55 -28.73
C ARG A 74 15.09 -38.99 -27.44
N ALA A 75 14.85 -39.83 -26.43
CA ALA A 75 14.29 -39.38 -25.13
C ALA A 75 15.18 -38.35 -24.39
N LYS A 76 16.51 -38.51 -24.49
CA LYS A 76 17.50 -37.58 -23.92
C LYS A 76 17.83 -36.41 -24.85
N THR A 77 17.38 -36.45 -26.11
CA THR A 77 17.62 -35.42 -27.13
C THR A 77 16.55 -34.32 -27.17
N ALA A 78 16.99 -33.06 -27.22
CA ALA A 78 16.11 -31.88 -27.28
C ALA A 78 15.77 -31.53 -28.72
N TYR A 79 14.48 -31.36 -28.99
CA TYR A 79 13.94 -31.00 -30.29
C TYR A 79 13.05 -29.81 -30.12
N ILE A 80 12.74 -29.13 -31.23
CA ILE A 80 11.84 -27.97 -31.17
C ILE A 80 10.45 -28.49 -30.71
N PRO A 81 9.77 -27.78 -29.81
CA PRO A 81 8.45 -28.24 -29.30
C PRO A 81 7.35 -28.29 -30.36
N ALA A 82 7.42 -27.39 -31.36
CA ALA A 82 6.40 -27.30 -32.43
C ALA A 82 5.00 -26.99 -31.78
N SER A 83 3.91 -27.59 -32.25
CA SER A 83 2.54 -27.26 -31.71
C SER A 83 2.34 -27.71 -30.25
N THR A 84 3.21 -28.59 -29.70
CA THR A 84 3.14 -28.99 -28.27
C THR A 84 3.45 -27.78 -27.35
N PHE A 85 4.15 -26.74 -27.89
CA PHE A 85 4.39 -25.49 -27.14
C PHE A 85 3.04 -24.74 -26.81
N ILE A 87 0.50 -25.67 -25.33
CA ILE A 87 0.23 -25.99 -23.91
C ILE A 87 0.87 -24.94 -23.01
N ALA A 88 2.17 -24.75 -23.16
CA ALA A 88 2.92 -23.74 -22.37
C ALA A 88 2.44 -22.31 -22.68
N ASN A 89 2.25 -22.02 -23.98
CA ASN A 89 1.79 -20.71 -24.46
C ASN A 89 0.44 -20.32 -23.82
N ALA A 90 -0.55 -21.20 -23.95
CA ALA A 90 -1.89 -21.02 -23.34
C ALA A 90 -1.78 -20.74 -21.84
N LEU A 91 -1.01 -21.58 -21.12
CA LEU A 91 -0.75 -21.43 -19.67
C LEU A 91 -0.17 -20.06 -19.35
N ILE A 92 0.90 -19.69 -20.05
CA ILE A 92 1.57 -18.38 -19.87
C ILE A 92 0.59 -17.22 -20.14
N GLY A 93 -0.15 -17.28 -21.25
CA GLY A 93 -1.13 -16.26 -21.61
C GLY A 93 -2.24 -16.02 -20.58
N LEU A 94 -2.90 -17.10 -20.16
CA LEU A 94 -3.99 -17.05 -19.17
C LEU A 94 -3.47 -16.61 -17.81
N GLU A 95 -2.32 -17.14 -17.40
CA GLU A 95 -1.66 -16.77 -16.12
C GLU A 95 -1.41 -15.29 -16.02
N ASN A 96 -0.97 -14.69 -17.14
CA ASN A 96 -0.64 -13.25 -17.22
C ASN A 96 -1.70 -12.30 -17.79
N HIS A 97 -2.94 -12.79 -17.87
CA HIS A 97 -4.12 -12.00 -18.34
C HIS A 97 -4.03 -11.40 -19.78
N LYS A 98 -3.32 -12.12 -20.65
CA LYS A 98 -3.20 -11.75 -22.09
C LYS A 98 -4.38 -12.30 -22.89
N ALA A 99 -5.14 -13.23 -22.29
CA ALA A 99 -6.32 -13.80 -22.87
C ALA A 99 -7.16 -14.49 -21.83
N THR A 100 -8.37 -14.84 -22.22
CA THR A 100 -9.26 -15.65 -21.40
C THR A 100 -9.52 -16.89 -22.27
N SER A 101 -10.07 -17.91 -21.62
CA SER A 101 -10.41 -19.17 -22.29
C SER A 101 -11.68 -19.03 -23.15
N THR A 102 -12.55 -18.07 -22.83
CA THR A 102 -13.79 -17.82 -23.56
C THR A 102 -13.64 -16.72 -24.64
N GLU A 103 -12.51 -16.01 -24.65
CA GLU A 103 -12.21 -14.97 -25.63
C GLU A 103 -12.08 -15.55 -27.01
N ILE A 104 -12.60 -14.83 -28.00
CA ILE A 104 -12.57 -15.23 -29.40
C ILE A 104 -11.51 -14.40 -30.16
N PHE A 105 -10.57 -15.11 -30.80
CA PHE A 105 -9.49 -14.55 -31.62
C PHE A 105 -10.09 -14.52 -33.02
N LYS A 106 -10.44 -13.32 -33.46
CA LYS A 106 -11.11 -13.14 -34.75
C LYS A 106 -10.09 -13.39 -35.87
N TRP A 107 -10.57 -13.96 -36.99
CA TRP A 107 -9.74 -14.20 -38.19
C TRP A 107 -9.46 -12.84 -38.79
N ASP A 108 -8.23 -12.61 -39.32
CA ASP A 108 -7.88 -11.30 -39.97
C ASP A 108 -8.29 -11.13 -41.48
N GLY A 109 -8.84 -12.19 -42.07
CA GLY A 109 -9.23 -12.25 -43.47
C GLY A 109 -8.12 -12.77 -44.41
N LYS A 110 -6.87 -12.89 -43.92
CA LYS A 110 -5.74 -13.34 -44.73
C LYS A 110 -5.76 -14.86 -44.73
N PRO A 111 -5.91 -15.51 -45.92
CA PRO A 111 -5.97 -17.00 -45.92
C PRO A 111 -4.69 -17.59 -45.34
N ARG A 112 -4.86 -18.44 -44.32
CA ARG A 112 -3.77 -19.10 -43.58
C ARG A 112 -3.34 -20.39 -44.29
N PHE A 113 -2.26 -21.02 -43.77
CA PHE A 113 -1.66 -22.28 -44.36
C PHE A 113 -2.70 -23.39 -44.65
N PHE A 114 -3.65 -23.60 -43.73
CA PHE A 114 -4.80 -24.52 -43.93
C PHE A 114 -6.09 -23.73 -43.99
N LYS A 115 -6.96 -24.01 -44.98
CA LYS A 115 -8.29 -23.36 -45.11
C LYS A 115 -9.10 -23.52 -43.82
N ALA A 116 -8.91 -24.66 -43.11
CA ALA A 116 -9.52 -24.93 -41.79
C ALA A 116 -9.29 -23.79 -40.77
N TRP A 117 -8.11 -23.15 -40.82
CA TRP A 117 -7.77 -22.01 -39.95
C TRP A 117 -8.39 -20.64 -40.32
N ASP A 118 -9.03 -20.49 -41.49
CA ASP A 118 -9.69 -19.22 -41.94
C ASP A 118 -11.03 -19.07 -41.24
N LYS A 119 -10.93 -18.85 -39.93
CA LYS A 119 -12.04 -18.89 -39.01
C LYS A 119 -11.70 -18.28 -37.66
N ASP A 120 -12.73 -17.93 -36.90
CA ASP A 120 -12.58 -17.41 -35.55
C ASP A 120 -12.38 -18.59 -34.61
N PHE A 121 -11.59 -18.39 -33.54
CA PHE A 121 -11.31 -19.42 -32.56
C PHE A 121 -11.15 -18.92 -31.14
N THR A 122 -11.48 -19.80 -30.20
CA THR A 122 -11.18 -19.61 -28.80
C THR A 122 -9.89 -20.40 -28.66
N LEU A 123 -9.13 -20.13 -27.60
CA LEU A 123 -7.84 -20.84 -27.38
C LEU A 123 -8.01 -22.36 -27.36
N GLY A 124 -9.12 -22.86 -26.80
CA GLY A 124 -9.44 -24.28 -26.78
C GLY A 124 -9.74 -24.84 -28.16
N GLU A 125 -10.56 -24.13 -28.94
CA GLU A 125 -10.87 -24.56 -30.32
C GLU A 125 -9.60 -24.55 -31.21
N ALA A 126 -8.77 -23.51 -31.03
CA ALA A 126 -7.48 -23.37 -31.73
C ALA A 126 -6.51 -24.45 -31.26
N MET A 127 -6.57 -24.82 -29.97
CA MET A 127 -5.73 -25.91 -29.42
C MET A 127 -6.04 -27.20 -30.17
N GLN A 128 -7.32 -27.55 -30.25
CA GLN A 128 -7.78 -28.76 -31.00
C GLN A 128 -7.38 -28.73 -32.46
N ALA A 129 -7.57 -27.57 -33.10
CA ALA A 129 -7.24 -27.37 -34.53
C ALA A 129 -5.77 -27.08 -34.85
N SER A 130 -4.90 -26.89 -33.83
CA SER A 130 -3.45 -26.51 -33.98
C SER A 130 -3.29 -25.18 -34.77
N THR A 131 -4.22 -24.25 -34.53
CA THR A 131 -4.29 -22.95 -35.25
C THR A 131 -3.12 -22.06 -34.81
N VAL A 132 -2.03 -22.19 -35.58
CA VAL A 132 -0.74 -21.52 -35.32
C VAL A 132 -0.94 -19.99 -35.19
N PRO A 133 -1.59 -19.34 -36.19
CA PRO A 133 -1.78 -17.85 -36.14
C PRO A 133 -2.44 -17.31 -34.84
N VAL A 134 -3.38 -18.07 -34.26
CA VAL A 134 -4.03 -17.69 -32.98
C VAL A 134 -3.02 -17.66 -31.83
N TYR A 135 -2.17 -18.68 -31.75
CA TYR A 135 -1.11 -18.75 -30.69
C TYR A 135 0.04 -17.79 -30.99
N GLN A 136 0.26 -17.48 -32.28
CA GLN A 136 1.23 -16.43 -32.69
C GLN A 136 0.75 -15.08 -32.14
N GLU A 137 -0.56 -14.80 -32.33
CA GLU A 137 -1.20 -13.60 -31.78
C GLU A 137 -1.02 -13.59 -30.27
N LEU A 138 -1.28 -14.74 -29.62
CA LEU A 138 -1.12 -14.87 -28.16
C LEU A 138 0.30 -14.54 -27.74
N ALA A 139 1.28 -15.19 -28.37
CA ALA A 139 2.72 -14.95 -28.07
C ALA A 139 3.08 -13.46 -28.19
N ARG A 140 2.61 -12.83 -29.29
CA ARG A 140 2.83 -11.37 -29.50
C ARG A 140 2.23 -10.53 -28.34
N ARG A 141 1.02 -10.91 -27.88
CA ARG A 141 0.40 -10.23 -26.73
C ARG A 141 1.23 -10.40 -25.44
N ILE A 142 1.80 -11.59 -25.26
CA ILE A 142 2.69 -11.88 -24.11
C ILE A 142 3.95 -11.02 -24.20
N GLY A 143 4.52 -10.93 -25.40
CA GLY A 143 5.71 -10.14 -25.64
C GLY A 143 6.96 -10.96 -25.34
N PRO A 144 8.13 -10.54 -25.91
CA PRO A 144 9.35 -11.33 -25.70
C PRO A 144 9.91 -11.29 -24.28
N SER A 145 9.80 -10.16 -23.60
CA SER A 145 10.30 -10.00 -22.22
C SER A 145 9.60 -10.98 -21.25
N LEU A 146 8.27 -10.91 -21.23
CA LEU A 146 7.46 -11.77 -20.36
C LEU A 146 7.60 -13.25 -20.73
N MET A 147 7.61 -13.58 -22.04
CA MET A 147 7.76 -14.97 -22.51
C MET A 147 9.08 -15.56 -21.99
N GLN A 148 10.17 -14.78 -22.10
CA GLN A 148 11.51 -15.17 -21.62
C GLN A 148 11.47 -15.53 -20.13
N SER A 149 11.14 -14.54 -19.28
CA SER A 149 11.11 -14.72 -17.81
C SER A 149 10.23 -15.90 -17.37
N GLU A 150 9.07 -16.05 -18.01
CA GLU A 150 8.13 -17.16 -17.72
C GLU A 150 8.73 -18.51 -18.02
N LEU A 151 9.25 -18.67 -19.24
CA LEU A 151 9.93 -19.95 -19.63
C LEU A 151 11.09 -20.25 -18.67
N GLN A 152 11.82 -19.20 -18.27
CA GLN A 152 12.90 -19.33 -17.26
C GLN A 152 12.34 -19.72 -15.88
N ARG A 153 11.25 -19.07 -15.47
CA ARG A 153 10.58 -19.34 -14.20
C ARG A 153 10.17 -20.83 -14.12
N ILE A 154 9.47 -21.29 -15.14
CA ILE A 154 8.98 -22.70 -15.20
C ILE A 154 10.01 -23.74 -15.65
N GLY A 155 11.15 -23.31 -16.21
CA GLY A 155 12.20 -24.22 -16.66
C GLY A 155 11.80 -25.07 -17.85
N TYR A 156 11.11 -24.45 -18.83
CA TYR A 156 10.63 -25.16 -20.03
C TYR A 156 11.79 -25.32 -21.01
N GLY A 157 12.25 -26.56 -21.17
CA GLY A 157 13.34 -26.91 -22.09
C GLY A 157 14.60 -26.09 -21.91
N ASN A 158 15.17 -25.64 -23.04
CA ASN A 158 16.40 -24.78 -23.02
C ASN A 158 16.08 -23.29 -22.75
N MET A 159 14.77 -22.92 -22.71
CA MET A 159 14.32 -21.57 -22.36
C MET A 159 14.83 -20.43 -23.27
N GLN A 160 15.18 -20.77 -24.53
CA GLN A 160 15.69 -19.80 -25.52
C GLN A 160 14.58 -19.46 -26.49
N ILE A 161 14.36 -18.16 -26.73
CA ILE A 161 13.33 -17.67 -27.69
C ILE A 161 13.88 -16.83 -28.87
N GLY A 162 15.17 -16.46 -28.84
CA GLY A 162 15.74 -15.64 -29.90
C GLY A 162 15.11 -14.24 -29.93
N THR A 163 14.90 -13.74 -31.15
CA THR A 163 14.36 -12.40 -31.44
C THR A 163 12.93 -12.33 -32.00
N GLU A 164 12.33 -13.47 -32.38
CA GLU A 164 10.98 -13.51 -32.94
C GLU A 164 10.10 -14.29 -31.98
N VAL A 165 9.32 -13.53 -31.20
CA VAL A 165 8.41 -14.08 -30.17
C VAL A 165 7.26 -14.98 -30.70
N ASP A 166 6.94 -14.87 -31.98
CA ASP A 166 5.87 -15.69 -32.64
C ASP A 166 6.43 -16.80 -33.55
N GLN A 167 7.73 -17.12 -33.43
CA GLN A 167 8.40 -18.15 -34.27
C GLN A 167 9.26 -19.20 -33.59
N PHE A 168 9.86 -18.88 -32.43
CA PHE A 168 10.84 -19.77 -31.73
C PHE A 168 10.50 -21.26 -31.54
N TRP A 169 9.26 -21.55 -31.26
CA TRP A 169 8.78 -22.95 -31.10
C TRP A 169 8.66 -23.69 -32.45
N LEU A 170 8.47 -22.95 -33.56
CA LEU A 170 8.33 -23.49 -34.93
C LEU A 170 9.66 -23.64 -35.70
N LYS A 171 10.68 -22.86 -35.38
CA LYS A 171 12.03 -22.93 -36.03
C LYS A 171 13.25 -22.87 -35.10
N GLY A 172 13.06 -22.93 -33.77
CA GLY A 172 14.15 -22.78 -32.79
C GLY A 172 14.30 -21.28 -32.49
N PRO A 173 15.16 -20.87 -31.55
CA PRO A 173 16.07 -21.74 -30.78
C PRO A 173 15.49 -22.61 -29.64
N LEU A 174 14.19 -22.50 -29.32
CA LEU A 174 13.61 -23.30 -28.22
C LEU A 174 13.61 -24.78 -28.53
N THR A 175 14.14 -25.57 -27.62
CA THR A 175 14.20 -27.03 -27.70
C THR A 175 13.79 -27.60 -26.35
N ILE A 176 13.33 -28.83 -26.40
CA ILE A 176 12.87 -29.57 -25.22
C ILE A 176 12.94 -31.08 -25.51
N THR A 177 13.33 -31.86 -24.51
CA THR A 177 13.44 -33.31 -24.65
C THR A 177 12.07 -33.97 -24.41
N PRO A 178 11.82 -35.16 -25.00
CA PRO A 178 10.56 -35.88 -24.66
C PRO A 178 10.39 -36.17 -23.14
N ILE A 179 11.49 -36.42 -22.42
CA ILE A 179 11.45 -36.62 -20.94
C ILE A 179 10.92 -35.33 -20.28
N GLN A 180 11.42 -34.18 -20.72
CA GLN A 180 10.94 -32.87 -20.21
C GLN A 180 9.45 -32.62 -20.51
N GLU A 181 8.99 -33.05 -21.70
CA GLU A 181 7.57 -32.95 -22.11
C GLU A 181 6.67 -33.77 -21.17
N VAL A 182 6.98 -35.05 -20.98
CA VAL A 182 6.16 -35.93 -20.06
C VAL A 182 6.11 -35.43 -18.62
N LYS A 183 7.24 -34.98 -18.07
CA LYS A 183 7.25 -34.42 -16.68
C LYS A 183 6.39 -33.15 -16.61
N PHE A 184 6.50 -32.30 -17.64
CA PHE A 184 5.71 -31.07 -17.74
C PHE A 184 4.19 -31.33 -17.87
N VAL A 185 3.82 -32.24 -18.79
CA VAL A 185 2.41 -32.56 -19.05
C VAL A 185 1.78 -33.40 -17.88
N TYR A 186 2.62 -34.21 -17.19
CA TYR A 186 2.19 -34.97 -16.01
C TYR A 186 1.78 -34.02 -14.89
N ASP A 187 2.58 -32.96 -14.69
CA ASP A 187 2.29 -31.93 -13.67
C ASP A 187 1.01 -31.16 -14.00
N LEU A 188 0.80 -30.84 -15.29
CA LEU A 188 -0.47 -30.21 -15.74
C LEU A 188 -1.65 -31.06 -15.26
N ALA A 189 -1.56 -32.37 -15.53
CA ALA A 189 -2.60 -33.33 -15.11
C ALA A 189 -2.86 -33.26 -13.61
N GLN A 190 -1.79 -33.29 -12.82
CA GLN A 190 -1.88 -33.24 -11.34
C GLN A 190 -2.09 -31.85 -10.74
N GLY A 191 -2.16 -30.78 -11.55
CA GLY A 191 -2.29 -29.41 -11.06
C GLY A 191 -1.02 -28.94 -10.30
N GLN A 192 0.15 -29.51 -10.63
CA GLN A 192 1.43 -29.24 -9.94
C GLN A 192 2.36 -28.27 -10.64
N LEU A 193 1.98 -27.74 -11.83
CA LEU A 193 2.81 -26.75 -12.53
C LEU A 193 2.72 -25.43 -11.78
N PRO A 194 3.77 -24.58 -11.85
CA PRO A 194 3.71 -23.30 -11.12
C PRO A 194 2.77 -22.25 -11.83
N PHE A 195 1.46 -22.52 -11.76
CA PHE A 195 0.36 -21.73 -12.34
C PHE A 195 -0.89 -21.78 -11.46
N LYS A 196 -1.83 -20.87 -11.71
CA LYS A 196 -3.11 -20.82 -10.98
C LYS A 196 -3.87 -22.13 -11.23
N PRO A 197 -4.52 -22.74 -10.19
CA PRO A 197 -5.26 -24.01 -10.37
C PRO A 197 -6.24 -23.96 -11.54
N GLU A 198 -7.07 -22.92 -11.56
CA GLU A 198 -8.07 -22.68 -12.64
C GLU A 198 -7.43 -22.47 -14.03
N VAL A 199 -6.24 -21.88 -14.10
CA VAL A 199 -5.49 -21.74 -15.38
C VAL A 199 -5.11 -23.13 -15.88
N GLN A 200 -4.46 -23.92 -15.00
CA GLN A 200 -4.06 -25.34 -15.28
C GLN A 200 -5.26 -26.18 -15.72
N GLN A 201 -6.37 -26.00 -15.00
CA GLN A 201 -7.67 -26.65 -15.31
C GLN A 201 -8.14 -26.36 -16.73
N GLN A 202 -8.16 -25.08 -17.10
CA GLN A 202 -8.62 -24.62 -18.44
C GLN A 202 -7.79 -25.22 -19.56
N VAL A 203 -6.47 -25.11 -19.45
CA VAL A 203 -5.56 -25.67 -20.47
C VAL A 203 -5.70 -27.22 -20.53
N LYS A 204 -5.83 -27.86 -19.36
CA LYS A 204 -5.99 -29.32 -19.28
C LYS A 204 -7.15 -29.73 -20.20
N GLU A 205 -8.35 -29.18 -19.95
CA GLU A 205 -9.55 -29.55 -20.79
C GLU A 205 -9.48 -29.13 -22.27
N MET A 206 -8.64 -28.15 -22.61
CA MET A 206 -8.37 -27.84 -24.02
C MET A 206 -7.73 -29.06 -24.72
N LEU A 207 -6.97 -29.87 -23.97
CA LEU A 207 -6.29 -31.08 -24.48
C LEU A 207 -7.12 -32.37 -24.47
N TYR A 208 -8.32 -32.37 -23.89
CA TYR A 208 -9.18 -33.56 -23.82
C TYR A 208 -9.52 -34.11 -25.22
N VAL A 209 -9.38 -35.42 -25.39
CA VAL A 209 -9.59 -36.12 -26.67
C VAL A 209 -10.80 -37.05 -26.59
N GLU A 210 -10.71 -38.05 -25.72
CA GLU A 210 -11.78 -39.04 -25.50
C GLU A 210 -11.69 -39.71 -24.15
N ARG A 211 -12.73 -40.46 -23.81
CA ARG A 211 -12.76 -41.27 -22.57
C ARG A 211 -13.25 -42.68 -22.88
N ARG A 212 -12.82 -43.63 -22.03
CA ARG A 212 -13.21 -45.06 -22.10
C ARG A 212 -13.39 -45.43 -20.63
N GLY A 213 -14.65 -45.74 -20.26
CA GLY A 213 -15.02 -45.99 -18.85
C GLY A 213 -14.88 -44.57 -18.29
N GLU A 214 -14.15 -44.45 -17.19
CA GLU A 214 -13.81 -43.13 -16.59
C GLU A 214 -12.28 -42.82 -16.77
N ASN A 215 -11.60 -43.51 -17.71
CA ASN A 215 -10.20 -43.24 -18.07
C ASN A 215 -10.32 -42.23 -19.18
N ARG A 216 -9.66 -41.09 -19.00
CA ARG A 216 -9.70 -39.96 -19.94
C ARG A 216 -8.36 -39.76 -20.63
N LEU A 217 -8.41 -39.55 -21.95
CA LEU A 217 -7.23 -39.28 -22.76
C LEU A 217 -7.13 -37.78 -23.05
N TYR A 218 -5.98 -37.20 -22.66
CA TYR A 218 -5.63 -35.80 -22.92
C TYR A 218 -4.39 -35.85 -23.79
N ALA A 219 -4.35 -35.08 -24.88
CA ALA A 219 -3.20 -35.12 -25.81
C ALA A 219 -3.05 -33.90 -26.72
N LYS A 220 -1.82 -33.74 -27.24
CA LYS A 220 -1.47 -32.68 -28.19
C LYS A 220 -0.44 -33.19 -29.19
N SER A 221 -0.73 -32.98 -30.48
CA SER A 221 0.13 -33.35 -31.59
C SER A 221 1.02 -32.19 -31.98
N GLY A 222 2.12 -32.49 -32.66
CA GLY A 222 3.05 -31.46 -33.12
C GLY A 222 3.88 -31.95 -34.29
N TRP A 223 4.14 -31.05 -35.24
CA TRP A 223 4.93 -31.36 -36.43
C TRP A 223 5.81 -30.14 -36.73
N GLY A 224 7.12 -30.28 -36.42
CA GLY A 224 8.11 -29.25 -36.70
C GLY A 224 8.41 -29.38 -38.18
N MET A 225 7.60 -28.74 -39.02
CA MET A 225 7.73 -28.78 -40.49
C MET A 225 8.81 -27.88 -41.06
N ALA A 226 9.15 -26.80 -40.36
CA ALA A 226 10.14 -25.79 -40.80
C ALA A 226 11.62 -26.03 -40.40
N VAL A 227 11.98 -27.27 -40.05
CA VAL A 227 13.35 -27.63 -39.63
C VAL A 227 13.77 -29.01 -40.16
N ASP A 228 15.08 -29.20 -40.36
CA ASP A 228 15.67 -30.44 -40.79
C ASP A 228 16.47 -30.98 -39.56
N PRO A 229 16.19 -32.17 -39.03
CA PRO A 229 15.12 -33.05 -39.48
C PRO A 229 13.77 -32.62 -38.89
N GLN A 230 12.69 -32.91 -39.60
CA GLN A 230 11.35 -32.61 -39.12
C GLN A 230 11.07 -33.48 -37.90
N VAL A 231 10.49 -32.90 -36.86
CA VAL A 231 10.19 -33.61 -35.60
C VAL A 231 8.66 -33.77 -35.47
N GLY A 232 8.23 -34.96 -35.05
CA GLY A 232 6.83 -35.32 -34.88
C GLY A 232 6.57 -35.65 -33.43
N TRP A 233 5.57 -34.99 -32.84
CA TRP A 233 5.20 -35.16 -31.46
C TRP A 233 3.80 -35.66 -31.28
N TYR A 234 3.59 -36.35 -30.17
CA TYR A 234 2.24 -36.72 -29.71
C TYR A 234 2.48 -36.88 -28.22
N VAL A 235 2.14 -35.81 -27.49
CA VAL A 235 2.35 -35.68 -26.06
C VAL A 235 1.02 -35.57 -25.31
N GLY A 236 0.91 -36.24 -24.16
CA GLY A 236 -0.30 -36.21 -23.36
C GLY A 236 -0.25 -37.01 -22.09
N PHE A 237 -1.43 -37.40 -21.63
CA PHE A 237 -1.56 -38.28 -20.46
C PHE A 237 -2.91 -38.97 -20.41
N VAL A 238 -2.96 -40.08 -19.68
CA VAL A 238 -4.18 -40.85 -19.47
C VAL A 238 -4.47 -40.70 -17.99
N GLU A 239 -5.64 -40.12 -17.68
CA GLU A 239 -6.09 -39.88 -16.32
C GLU A 239 -7.09 -41.01 -16.03
N LYS A 240 -6.74 -41.89 -15.12
CA LYS A 240 -7.60 -42.92 -14.63
C LYS A 240 -8.36 -42.37 -13.43
N ALA A 241 -9.64 -42.67 -13.31
CA ALA A 241 -10.54 -41.93 -12.38
C ALA A 241 -10.12 -42.06 -10.95
N ASP A 242 -9.32 -43.09 -10.69
CA ASP A 242 -8.81 -43.38 -9.38
C ASP A 242 -8.08 -42.15 -8.95
N GLY A 243 -7.41 -41.53 -9.88
CA GLY A 243 -6.63 -40.31 -9.61
C GLY A 243 -5.24 -40.48 -10.23
N GLN A 244 -4.80 -41.73 -10.44
CA GLN A 244 -3.53 -42.09 -11.06
C GLN A 244 -3.46 -41.67 -12.52
N VAL A 245 -2.35 -41.01 -12.85
CA VAL A 245 -2.06 -40.52 -14.18
C VAL A 245 -0.82 -41.21 -14.74
N VAL A 246 -0.84 -41.44 -16.06
CA VAL A 246 0.29 -41.96 -16.82
C VAL A 246 0.44 -40.96 -17.98
N ALA A 247 1.50 -40.15 -17.91
CA ALA A 247 1.85 -39.20 -18.99
C ALA A 247 2.65 -39.94 -20.05
N PHE A 248 2.51 -39.49 -21.30
CA PHE A 248 3.21 -40.09 -22.45
C PHE A 248 3.70 -39.05 -23.45
N ALA A 249 4.65 -39.49 -24.29
CA ALA A 249 5.24 -38.64 -25.33
C ALA A 249 5.89 -39.44 -26.46
N LEU A 250 5.22 -39.46 -27.62
CA LEU A 250 5.73 -40.03 -28.83
C LEU A 250 6.55 -38.91 -29.45
N ASN A 251 7.82 -39.20 -29.73
CA ASN A 251 8.75 -38.31 -30.42
C ASN A 251 9.37 -39.11 -31.52
N MET A 252 9.19 -38.68 -32.78
CA MET A 252 9.74 -39.39 -33.94
C MET A 252 10.15 -38.49 -35.08
N GLN A 253 10.89 -39.12 -36.01
CA GLN A 253 11.37 -38.50 -37.21
C GLN A 253 10.19 -38.36 -38.17
N MET A 254 10.08 -37.22 -38.83
CA MET A 254 9.02 -36.97 -39.81
C MET A 254 9.67 -36.65 -41.16
N LYS A 255 8.89 -36.92 -42.21
CA LYS A 255 9.26 -36.72 -43.60
C LYS A 255 8.09 -36.14 -44.35
N ALA A 256 8.38 -35.45 -45.45
CA ALA A 256 7.34 -34.84 -46.29
C ALA A 256 6.48 -35.97 -46.88
N GLY A 257 5.17 -35.84 -46.73
CA GLY A 257 4.21 -36.83 -47.19
C GLY A 257 3.89 -37.95 -46.22
N ASP A 258 4.32 -37.88 -44.94
CA ASP A 258 3.95 -38.92 -43.93
C ASP A 258 2.48 -38.79 -43.56
N ASP A 259 1.87 -39.91 -43.14
CA ASP A 259 0.43 -39.96 -42.78
C ASP A 259 0.22 -39.18 -41.47
N ILE A 260 -0.55 -38.09 -41.57
CA ILE A 260 -0.84 -37.21 -40.42
C ILE A 260 -1.48 -37.96 -39.21
N ALA A 261 -2.29 -38.99 -39.48
CA ALA A 261 -2.93 -39.78 -38.41
C ALA A 261 -2.02 -40.79 -37.68
N LEU A 262 -0.85 -41.12 -38.25
CA LEU A 262 0.05 -42.15 -37.65
C LEU A 262 0.49 -41.91 -36.22
N ARG A 263 0.95 -40.70 -35.90
CA ARG A 263 1.45 -40.35 -34.53
C ARG A 263 0.46 -40.67 -33.42
N LYS A 264 -0.78 -40.19 -33.56
CA LYS A 264 -1.85 -40.49 -32.60
C LYS A 264 -2.10 -41.98 -32.55
N GLN A 265 -2.38 -42.53 -33.73
CA GLN A 265 -2.68 -43.97 -33.91
C GLN A 265 -1.62 -44.90 -33.30
N LEU A 266 -0.35 -44.56 -33.52
CA LEU A 266 0.78 -45.29 -32.94
C LEU A 266 0.73 -45.18 -31.44
N SER A 267 0.57 -43.95 -30.94
CA SER A 267 0.49 -43.68 -29.48
C SER A 267 -0.65 -44.49 -28.82
N LEU A 268 -1.83 -44.50 -29.44
CA LEU A 268 -3.00 -45.29 -28.91
C LEU A 268 -2.72 -46.80 -28.96
N ASP A 269 -2.06 -47.26 -30.03
CA ASP A 269 -1.65 -48.68 -30.15
C ASP A 269 -0.68 -49.07 -29.00
N VAL A 270 0.22 -48.16 -28.62
CA VAL A 270 1.17 -48.38 -27.51
C VAL A 270 0.42 -48.39 -26.17
N LEU A 271 -0.40 -47.37 -25.96
CA LEU A 271 -1.24 -47.23 -24.72
C LEU A 271 -2.17 -48.45 -24.51
N ASP A 272 -2.67 -49.02 -25.61
CA ASP A 272 -3.45 -50.26 -25.60
C ASP A 272 -2.59 -51.44 -25.13
N LYS A 273 -1.45 -51.64 -25.81
CA LYS A 273 -0.52 -52.76 -25.47
C LYS A 273 0.05 -52.66 -24.06
N LEU A 274 0.30 -51.43 -23.59
CA LEU A 274 0.76 -51.21 -22.20
C LEU A 274 -0.30 -51.50 -21.12
N GLY A 275 -1.58 -51.52 -21.48
CA GLY A 275 -2.68 -51.70 -20.52
C GLY A 275 -3.12 -50.39 -19.86
N VAL A 276 -2.59 -49.23 -20.32
CA VAL A 276 -2.92 -47.91 -19.78
C VAL A 276 -4.25 -47.42 -20.33
N PHE A 277 -4.51 -47.69 -21.62
CA PHE A 277 -5.73 -47.24 -22.31
C PHE A 277 -6.16 -48.27 -23.36
N HIS A 278 -6.86 -49.32 -22.90
CA HIS A 278 -7.36 -50.41 -23.77
C HIS A 278 -8.38 -50.00 -24.79
N TYR A 279 -8.41 -50.69 -25.94
CA TYR A 279 -9.46 -50.46 -26.94
C TYR A 279 -10.74 -51.18 -26.48
N LEU A 280 -11.83 -50.93 -27.18
CA LEU A 280 -13.10 -51.56 -26.87
C LEU A 280 -13.35 -52.67 -27.87
N SER B 38 8.32 -6.48 -6.23
CA SER B 38 9.76 -6.65 -6.63
C SER B 38 10.64 -6.21 -5.45
N ILE B 39 10.51 -4.94 -5.02
CA ILE B 39 11.26 -4.40 -3.80
C ILE B 39 10.83 -5.14 -2.55
N ILE B 40 9.53 -5.48 -2.45
CA ILE B 40 8.99 -6.29 -1.34
C ILE B 40 9.83 -7.58 -1.32
N ASP B 41 9.90 -8.25 -2.49
CA ASP B 41 10.71 -9.48 -2.65
C ASP B 41 12.18 -9.24 -2.23
N GLN B 42 12.74 -8.06 -2.56
CA GLN B 42 14.12 -7.70 -2.13
C GLN B 42 14.25 -7.55 -0.61
N ASN B 43 13.31 -6.80 0.01
CA ASN B 43 13.28 -6.56 1.49
C ASN B 43 13.19 -7.86 2.29
N VAL B 44 12.48 -8.86 1.75
CA VAL B 44 12.38 -10.19 2.35
C VAL B 44 13.76 -10.87 2.30
N GLN B 45 14.43 -10.86 1.13
CA GLN B 45 15.75 -11.51 0.98
C GLN B 45 16.80 -10.91 1.93
N ALA B 46 16.78 -9.58 2.09
CA ALA B 46 17.72 -8.88 3.02
C ALA B 46 17.66 -9.41 4.47
N LEU B 47 16.48 -9.90 4.91
CA LEU B 47 16.32 -10.56 6.24
C LEU B 47 17.25 -11.79 6.30
N PHE B 48 17.19 -12.59 5.24
CA PHE B 48 18.01 -13.84 5.12
C PHE B 48 19.54 -13.67 5.04
N ASN B 49 20.05 -12.43 4.93
CA ASN B 49 21.50 -12.14 5.00
C ASN B 49 22.09 -12.46 6.40
N GLU B 50 21.28 -12.24 7.45
CA GLU B 50 21.60 -12.65 8.83
C GLU B 50 21.70 -14.15 8.97
N ILE B 51 20.81 -14.86 8.29
CA ILE B 51 20.65 -16.30 8.45
C ILE B 51 21.72 -17.10 7.73
N SER B 52 22.73 -17.52 8.49
CA SER B 52 23.79 -18.39 7.98
C SER B 52 23.25 -19.77 7.55
N ALA B 53 22.21 -20.27 8.24
CA ALA B 53 21.58 -21.56 7.92
C ALA B 53 20.86 -21.56 6.58
N ASP B 54 20.76 -22.76 5.98
CA ASP B 54 20.01 -22.95 4.73
C ASP B 54 18.53 -22.86 5.10
N ALA B 55 17.78 -22.06 4.34
CA ALA B 55 16.35 -21.83 4.59
C ALA B 55 15.56 -21.52 3.36
N VAL B 56 14.25 -21.73 3.47
CA VAL B 56 13.30 -21.35 2.42
C VAL B 56 11.98 -20.98 3.13
N PHE B 57 11.30 -19.96 2.62
CA PHE B 57 10.03 -19.51 3.13
C PHE B 57 9.08 -19.53 1.93
N VAL B 58 8.11 -20.43 1.98
CA VAL B 58 7.14 -20.61 0.91
C VAL B 58 5.79 -20.05 1.33
N THR B 59 5.11 -19.32 0.43
CA THR B 59 3.76 -18.81 0.67
C THR B 59 2.83 -19.36 -0.41
N TYR B 60 1.54 -19.32 -0.13
CA TYR B 60 0.47 -19.77 -1.08
C TYR B 60 -0.83 -19.03 -0.78
N ASP B 61 -1.47 -18.49 -1.82
CA ASP B 61 -2.71 -17.70 -1.69
C ASP B 61 -3.91 -18.32 -2.42
N GLY B 62 -3.86 -19.64 -2.65
CA GLY B 62 -4.87 -20.34 -3.44
C GLY B 62 -4.68 -20.21 -4.96
N GLN B 63 -3.59 -19.54 -5.40
CA GLN B 63 -3.29 -19.28 -6.81
C GLN B 63 -1.80 -19.43 -7.16
N ASN B 64 -0.95 -18.60 -6.53
CA ASN B 64 0.51 -18.60 -6.75
C ASN B 64 1.35 -19.01 -5.55
N ILE B 65 2.37 -19.86 -5.81
CA ILE B 65 3.37 -20.24 -4.84
C ILE B 65 4.47 -19.22 -4.99
N LYS B 66 4.97 -18.69 -3.87
CA LYS B 66 6.14 -17.75 -3.89
C LYS B 66 7.17 -18.39 -2.98
N LYS B 67 8.45 -18.17 -3.32
CA LYS B 67 9.59 -18.72 -2.62
C LYS B 67 10.57 -17.64 -2.24
N TYR B 68 11.10 -17.75 -1.03
CA TYR B 68 12.08 -16.79 -0.49
C TYR B 68 13.08 -17.55 0.35
N GLY B 69 14.22 -16.95 0.68
CA GLY B 69 15.27 -17.58 1.51
C GLY B 69 16.66 -17.67 0.95
N THR B 70 17.50 -18.35 1.75
CA THR B 70 18.92 -18.59 1.43
C THR B 70 19.14 -19.78 0.49
N HIS B 71 18.28 -20.81 0.54
CA HIS B 71 18.37 -21.98 -0.37
C HIS B 71 16.95 -22.36 -0.89
N LEU B 72 16.64 -21.95 -2.12
CA LEU B 72 15.28 -22.14 -2.74
C LEU B 72 14.90 -23.57 -3.17
N ASP B 73 15.87 -24.42 -3.52
CA ASP B 73 15.58 -25.86 -3.87
C ASP B 73 14.94 -26.66 -2.70
N ARG B 74 15.11 -26.17 -1.44
CA ARG B 74 14.48 -26.74 -0.22
C ARG B 74 12.94 -26.86 -0.37
N ALA B 75 12.31 -25.93 -1.09
CA ALA B 75 10.86 -25.96 -1.37
C ALA B 75 10.40 -27.24 -2.11
N LYS B 76 11.23 -27.74 -3.03
CA LYS B 76 10.98 -28.99 -3.80
C LYS B 76 11.48 -30.24 -3.07
N THR B 77 12.23 -30.08 -1.97
CA THR B 77 12.84 -31.16 -1.19
C THR B 77 11.94 -31.64 -0.07
N ALA B 78 11.81 -32.97 0.05
CA ALA B 78 10.98 -33.60 1.08
C ALA B 78 11.81 -33.85 2.34
N TYR B 79 11.25 -33.43 3.47
CA TYR B 79 11.84 -33.58 4.80
C TYR B 79 10.84 -34.21 5.69
N ILE B 80 11.30 -34.77 6.83
CA ILE B 80 10.34 -35.37 7.79
C ILE B 80 9.43 -34.23 8.31
N PRO B 81 8.11 -34.49 8.45
CA PRO B 81 7.18 -33.44 8.92
C PRO B 81 7.42 -32.99 10.37
N ALA B 82 7.92 -33.88 11.22
CA ALA B 82 8.14 -33.60 12.65
C ALA B 82 6.85 -33.25 13.41
N SER B 83 6.87 -32.19 14.22
CA SER B 83 5.66 -31.82 15.00
C SER B 83 4.56 -31.19 14.10
N THR B 84 4.89 -30.78 12.86
CA THR B 84 3.87 -30.29 11.92
C THR B 84 2.90 -31.44 11.51
N PHE B 85 3.31 -32.72 11.69
CA PHE B 85 2.43 -33.87 11.44
C PHE B 85 1.23 -33.90 12.44
N ILE B 87 -0.93 -31.79 13.09
CA ILE B 87 -2.06 -31.26 12.32
C ILE B 87 -2.81 -32.40 11.62
N ALA B 88 -2.08 -33.20 10.84
CA ALA B 88 -2.67 -34.37 10.13
C ALA B 88 -3.16 -35.43 11.09
N ASN B 89 -2.33 -35.73 12.11
CA ASN B 89 -2.63 -36.73 13.14
C ASN B 89 -3.96 -36.43 13.83
N ALA B 90 -4.09 -35.21 14.35
CA ALA B 90 -5.31 -34.71 15.01
C ALA B 90 -6.53 -34.91 14.10
N LEU B 91 -6.42 -34.45 12.85
CA LEU B 91 -7.49 -34.59 11.82
C LEU B 91 -7.91 -36.03 11.65
N ILE B 92 -6.92 -36.90 11.43
CA ILE B 92 -7.13 -38.36 11.25
C ILE B 92 -7.85 -38.97 12.47
N GLY B 93 -7.33 -38.65 13.67
CA GLY B 93 -7.90 -39.12 14.96
C GLY B 93 -9.38 -38.74 15.18
N LEU B 94 -9.68 -37.45 15.06
CA LEU B 94 -11.06 -36.93 15.25
C LEU B 94 -12.01 -37.50 14.19
N GLU B 95 -11.55 -37.51 12.94
CA GLU B 95 -12.32 -38.07 11.80
C GLU B 95 -12.76 -39.50 12.04
N ASN B 96 -11.84 -40.30 12.58
CA ASN B 96 -12.08 -41.75 12.82
C ASN B 96 -12.46 -42.17 14.25
N HIS B 97 -12.94 -41.20 15.04
CA HIS B 97 -13.44 -41.41 16.41
C HIS B 97 -12.46 -42.05 17.43
N LYS B 98 -11.17 -41.78 17.21
CA LYS B 98 -10.11 -42.23 18.13
C LYS B 98 -9.90 -41.21 19.26
N ALA B 99 -10.47 -40.00 19.11
CA ALA B 99 -10.40 -38.95 20.11
C ALA B 99 -11.45 -37.87 19.86
N THR B 100 -11.67 -37.06 20.90
CA THR B 100 -12.51 -35.88 20.82
C THR B 100 -11.55 -34.76 21.19
N SER B 101 -11.97 -33.55 20.87
CA SER B 101 -11.19 -32.33 21.19
C SER B 101 -11.24 -31.94 22.69
N THR B 102 -12.24 -32.43 23.43
CA THR B 102 -12.40 -32.14 24.87
C THR B 102 -11.83 -33.23 25.77
N GLU B 103 -11.52 -34.41 25.19
CA GLU B 103 -10.97 -35.55 25.91
C GLU B 103 -9.57 -35.26 26.44
N ILE B 104 -9.29 -35.76 27.63
CA ILE B 104 -8.01 -35.55 28.31
C ILE B 104 -7.11 -36.82 28.23
N PHE B 105 -5.88 -36.64 27.75
CA PHE B 105 -4.87 -37.68 27.64
C PHE B 105 -4.08 -37.55 28.96
N LYS B 106 -4.34 -38.47 29.90
CA LYS B 106 -3.74 -38.42 31.23
C LYS B 106 -2.26 -38.73 31.15
N TRP B 107 -1.45 -38.09 32.00
CA TRP B 107 0.00 -38.37 32.08
C TRP B 107 0.14 -39.74 32.77
N ASP B 108 1.05 -40.57 32.27
CA ASP B 108 1.30 -41.93 32.82
C ASP B 108 2.29 -42.02 34.00
N GLY B 109 2.86 -40.88 34.41
CA GLY B 109 3.85 -40.80 35.47
C GLY B 109 5.30 -40.96 34.99
N LYS B 110 5.54 -41.39 33.73
CA LYS B 110 6.89 -41.58 33.19
C LYS B 110 7.41 -40.23 32.76
N PRO B 111 8.51 -39.72 33.40
CA PRO B 111 9.00 -38.38 32.99
C PRO B 111 9.40 -38.36 31.52
N ARG B 112 8.80 -37.42 30.77
CA ARG B 112 9.01 -37.25 29.32
C ARG B 112 10.24 -36.38 29.03
N PHE B 113 10.57 -36.22 27.74
CA PHE B 113 11.78 -35.44 27.28
C PHE B 113 11.88 -34.03 27.94
N PHE B 114 10.74 -33.32 27.97
CA PHE B 114 10.63 -32.02 28.64
C PHE B 114 9.72 -32.17 29.85
N LYS B 115 10.17 -31.65 31.00
CA LYS B 115 9.38 -31.64 32.26
C LYS B 115 7.99 -30.98 32.04
N ALA B 116 7.90 -29.98 31.12
CA ALA B 116 6.64 -29.35 30.70
C ALA B 116 5.57 -30.36 30.27
N TRP B 117 5.99 -31.45 29.61
CA TRP B 117 5.07 -32.51 29.19
C TRP B 117 4.59 -33.47 30.28
N ASP B 118 5.18 -33.45 31.49
CA ASP B 118 4.74 -34.29 32.65
C ASP B 118 3.44 -33.73 33.24
N LYS B 119 2.37 -33.86 32.44
CA LYS B 119 1.07 -33.23 32.68
C LYS B 119 -0.04 -33.81 31.81
N ASP B 120 -1.29 -33.61 32.21
CA ASP B 120 -2.45 -34.02 31.41
C ASP B 120 -2.67 -33.01 30.29
N PHE B 121 -3.17 -33.46 29.14
CA PHE B 121 -3.44 -32.60 27.99
C PHE B 121 -4.66 -33.01 27.17
N THR B 122 -5.28 -32.01 26.54
CA THR B 122 -6.31 -32.18 25.52
C THR B 122 -5.48 -32.02 24.25
N LEU B 123 -6.02 -32.49 23.13
CA LEU B 123 -5.31 -32.42 21.82
C LEU B 123 -4.88 -30.99 21.48
N GLY B 124 -5.74 -30.00 21.79
CA GLY B 124 -5.44 -28.59 21.57
C GLY B 124 -4.32 -28.10 22.46
N GLU B 125 -4.37 -28.45 23.75
CA GLU B 125 -3.31 -28.06 24.71
C GLU B 125 -1.97 -28.70 24.33
N ALA B 126 -2.02 -29.99 23.97
CA ALA B 126 -0.85 -30.76 23.49
C ALA B 126 -0.34 -30.20 22.15
N MET B 127 -1.25 -29.74 21.28
CA MET B 127 -0.90 -29.10 20.00
C MET B 127 -0.03 -27.89 20.28
N GLN B 128 -0.51 -27.00 21.15
CA GLN B 128 0.25 -25.77 21.54
C GLN B 128 1.58 -26.08 22.18
N ALA B 129 1.60 -27.09 23.07
CA ALA B 129 2.82 -27.51 23.79
C ALA B 129 3.76 -28.46 23.00
N SER B 130 3.35 -28.94 21.81
CA SER B 130 4.08 -29.95 20.97
C SER B 130 4.32 -31.26 21.76
N THR B 131 3.35 -31.63 22.58
CA THR B 131 3.43 -32.81 23.45
C THR B 131 3.40 -34.08 22.61
N VAL B 132 4.61 -34.51 22.23
CA VAL B 132 4.85 -35.69 21.34
C VAL B 132 4.13 -36.93 21.86
N PRO B 133 4.33 -37.28 23.17
CA PRO B 133 3.70 -38.50 23.73
C PRO B 133 2.18 -38.57 23.58
N VAL B 134 1.49 -37.43 23.65
CA VAL B 134 0.02 -37.38 23.46
C VAL B 134 -0.36 -37.80 22.04
N TYR B 135 0.35 -37.27 21.06
CA TYR B 135 0.10 -37.63 19.64
C TYR B 135 0.60 -39.05 19.31
N GLN B 136 1.61 -39.53 20.04
CA GLN B 136 2.08 -40.93 19.92
C GLN B 136 0.95 -41.87 20.38
N GLU B 137 0.33 -41.53 21.53
CA GLU B 137 -0.85 -42.26 22.03
C GLU B 137 -1.93 -42.23 20.96
N LEU B 138 -2.21 -41.04 20.40
CA LEU B 138 -3.23 -40.89 19.35
C LEU B 138 -2.92 -41.79 18.15
N ALA B 139 -1.70 -41.70 17.63
CA ALA B 139 -1.27 -42.54 16.49
C ALA B 139 -1.49 -44.05 16.78
N ARG B 140 -1.10 -44.50 17.98
CA ARG B 140 -1.32 -45.91 18.41
C ARG B 140 -2.83 -46.26 18.43
N ARG B 141 -3.68 -45.32 18.90
CA ARG B 141 -5.15 -45.51 18.87
C ARG B 141 -5.66 -45.63 17.43
N ILE B 142 -5.10 -44.84 16.51
CA ILE B 142 -5.42 -44.92 15.06
C ILE B 142 -4.98 -46.29 14.48
N GLY B 143 -3.77 -46.71 14.83
CA GLY B 143 -3.22 -47.99 14.36
C GLY B 143 -2.54 -47.84 12.99
N PRO B 144 -1.65 -48.80 12.63
CA PRO B 144 -0.91 -48.67 11.36
C PRO B 144 -1.75 -48.81 10.07
N SER B 145 -2.74 -49.71 10.08
CA SER B 145 -3.62 -49.94 8.91
C SER B 145 -4.40 -48.68 8.54
N LEU B 146 -5.11 -48.14 9.52
CA LEU B 146 -5.89 -46.91 9.32
C LEU B 146 -5.03 -45.71 8.98
N MET B 147 -3.91 -45.55 9.70
CA MET B 147 -2.98 -44.42 9.44
C MET B 147 -2.50 -44.44 7.98
N GLN B 148 -2.12 -45.64 7.50
CA GLN B 148 -1.67 -45.84 6.11
C GLN B 148 -2.73 -45.39 5.11
N SER B 149 -3.90 -46.04 5.15
CA SER B 149 -5.02 -45.73 4.20
C SER B 149 -5.43 -44.25 4.21
N GLU B 150 -5.46 -43.64 5.41
CA GLU B 150 -5.80 -42.20 5.55
C GLU B 150 -4.77 -41.33 4.87
N LEU B 151 -3.48 -41.55 5.18
CA LEU B 151 -2.39 -40.75 4.52
C LEU B 151 -2.46 -40.94 3.00
N GLN B 152 -2.79 -42.16 2.55
CA GLN B 152 -3.00 -42.44 1.10
C GLN B 152 -4.22 -41.69 0.55
N ARG B 153 -5.31 -41.73 1.31
CA ARG B 153 -6.56 -41.06 0.95
C ARG B 153 -6.33 -39.55 0.77
N ILE B 154 -5.68 -38.93 1.75
CA ILE B 154 -5.41 -37.46 1.71
C ILE B 154 -4.15 -37.06 0.87
N GLY B 155 -3.28 -38.00 0.56
CA GLY B 155 -2.06 -37.73 -0.22
C GLY B 155 -1.04 -36.90 0.54
N TYR B 156 -0.83 -37.23 1.82
CA TYR B 156 0.12 -36.50 2.69
C TYR B 156 1.56 -36.95 2.41
N GLY B 157 2.34 -36.06 1.77
CA GLY B 157 3.75 -36.31 1.43
C GLY B 157 4.00 -37.59 0.66
N ASN B 158 5.04 -38.35 1.04
CA ASN B 158 5.35 -39.66 0.41
C ASN B 158 4.47 -40.81 0.95
N MET B 159 3.65 -40.55 1.98
CA MET B 159 2.68 -41.50 2.55
C MET B 159 3.27 -42.81 3.11
N GLN B 160 4.56 -42.78 3.51
CA GLN B 160 5.25 -43.95 4.05
C GLN B 160 5.31 -43.84 5.56
N ILE B 161 4.91 -44.92 6.26
CA ILE B 161 4.97 -44.97 7.75
C ILE B 161 5.91 -46.05 8.32
N GLY B 162 6.45 -46.96 7.50
CA GLY B 162 7.34 -48.00 7.98
C GLY B 162 6.57 -48.97 8.88
N THR B 163 7.23 -49.42 9.95
CA THR B 163 6.68 -50.39 10.94
C THR B 163 6.38 -49.84 12.36
N GLU B 164 6.69 -48.57 12.63
CA GLU B 164 6.44 -47.94 13.94
C GLU B 164 5.47 -46.80 13.73
N VAL B 165 4.19 -47.07 14.04
CA VAL B 165 3.06 -46.11 13.90
C VAL B 165 3.17 -44.84 14.78
N ASP B 166 3.96 -44.88 15.85
CA ASP B 166 4.19 -43.71 16.74
C ASP B 166 5.59 -43.04 16.55
N GLN B 167 6.30 -43.36 15.46
CA GLN B 167 7.65 -42.81 15.17
C GLN B 167 7.93 -42.23 13.78
N PHE B 168 7.24 -42.70 12.73
CA PHE B 168 7.49 -42.29 11.31
C PHE B 168 7.69 -40.78 11.03
N TRP B 169 6.90 -39.92 11.67
CA TRP B 169 7.00 -38.46 11.49
C TRP B 169 8.23 -37.84 12.20
N LEU B 170 8.78 -38.52 13.22
CA LEU B 170 9.96 -38.09 14.00
C LEU B 170 11.32 -38.59 13.49
N LYS B 171 11.33 -39.71 12.78
CA LYS B 171 12.57 -40.32 12.22
C LYS B 171 12.49 -40.87 10.78
N GLY B 172 11.38 -40.63 10.06
CA GLY B 172 11.15 -41.19 8.71
C GLY B 172 10.46 -42.55 8.89
N PRO B 173 10.02 -43.23 7.82
CA PRO B 173 10.20 -42.81 6.41
C PRO B 173 9.30 -41.70 5.87
N LEU B 174 8.32 -41.17 6.63
CA LEU B 174 7.44 -40.12 6.11
C LEU B 174 8.19 -38.82 5.85
N THR B 175 8.04 -38.31 4.63
CA THR B 175 8.63 -37.04 4.21
C THR B 175 7.55 -36.23 3.48
N ILE B 176 7.76 -34.93 3.45
CA ILE B 176 6.85 -33.97 2.81
C ILE B 176 7.62 -32.70 2.46
N THR B 177 7.30 -32.11 1.32
CA THR B 177 7.96 -30.88 0.89
C THR B 177 7.27 -29.65 1.49
N PRO B 178 7.99 -28.51 1.64
CA PRO B 178 7.34 -27.26 2.08
C PRO B 178 6.13 -26.83 1.19
N ILE B 179 6.22 -27.08 -0.12
CA ILE B 179 5.10 -26.79 -1.08
C ILE B 179 3.88 -27.65 -0.70
N GLN B 180 4.11 -28.92 -0.40
CA GLN B 180 3.01 -29.83 0.05
C GLN B 180 2.40 -29.39 1.39
N GLU B 181 3.24 -28.87 2.30
CA GLU B 181 2.78 -28.35 3.59
C GLU B 181 1.85 -27.15 3.42
N VAL B 182 2.29 -26.12 2.68
CA VAL B 182 1.43 -24.91 2.46
C VAL B 182 0.09 -25.21 1.77
N LYS B 183 0.09 -26.10 0.77
CA LYS B 183 -1.18 -26.48 0.09
C LYS B 183 -2.10 -27.21 1.05
N PHE B 184 -1.53 -28.08 1.87
CA PHE B 184 -2.27 -28.84 2.87
C PHE B 184 -2.88 -27.93 3.97
N VAL B 185 -2.06 -27.02 4.50
CA VAL B 185 -2.49 -26.13 5.60
C VAL B 185 -3.43 -25.01 5.07
N TYR B 186 -3.25 -24.59 3.80
CA TYR B 186 -4.15 -23.64 3.15
C TYR B 186 -5.57 -24.24 3.06
N ASP B 187 -5.66 -25.53 2.69
CA ASP B 187 -6.96 -26.24 2.59
C ASP B 187 -7.63 -26.36 3.95
N LEU B 188 -6.84 -26.66 5.00
CA LEU B 188 -7.35 -26.68 6.37
C LEU B 188 -8.07 -25.34 6.68
N ALA B 189 -7.40 -24.23 6.36
CA ALA B 189 -7.93 -22.87 6.55
C ALA B 189 -9.26 -22.71 5.82
N GLN B 190 -9.31 -23.12 4.56
CA GLN B 190 -10.52 -23.00 3.73
C GLN B 190 -11.56 -24.11 3.96
N GLY B 191 -11.31 -25.08 4.85
CA GLY B 191 -12.23 -26.21 5.07
C GLY B 191 -12.32 -27.14 3.84
N GLN B 192 -11.26 -27.18 3.03
CA GLN B 192 -11.23 -27.97 1.77
C GLN B 192 -10.56 -29.32 1.85
N LEU B 193 -9.99 -29.70 3.01
CA LEU B 193 -9.37 -31.03 3.17
C LEU B 193 -10.47 -32.08 3.19
N PRO B 194 -10.20 -33.31 2.71
CA PRO B 194 -11.28 -34.34 2.70
C PRO B 194 -11.55 -34.90 4.15
N PHE B 195 -12.20 -34.07 4.96
CA PHE B 195 -12.55 -34.34 6.35
C PHE B 195 -13.86 -33.65 6.68
N LYS B 196 -14.44 -34.07 7.82
CA LYS B 196 -15.68 -33.47 8.31
C LYS B 196 -15.44 -31.97 8.59
N PRO B 197 -16.41 -31.09 8.26
CA PRO B 197 -16.23 -29.63 8.47
C PRO B 197 -15.82 -29.29 9.91
N GLU B 198 -16.59 -29.79 10.87
CA GLU B 198 -16.32 -29.60 12.32
C GLU B 198 -14.98 -30.17 12.78
N VAL B 199 -14.49 -31.24 12.13
CA VAL B 199 -13.15 -31.81 12.43
C VAL B 199 -12.10 -30.77 12.03
N GLN B 200 -12.19 -30.31 10.77
CA GLN B 200 -11.25 -29.27 10.22
C GLN B 200 -11.27 -28.00 11.06
N GLN B 201 -12.49 -27.60 11.46
CA GLN B 201 -12.73 -26.44 12.35
C GLN B 201 -11.95 -26.56 13.67
N GLN B 202 -12.10 -27.70 14.34
CA GLN B 202 -11.44 -27.95 15.65
C GLN B 202 -9.93 -27.89 15.56
N VAL B 203 -9.35 -28.60 14.59
CA VAL B 203 -7.90 -28.62 14.39
C VAL B 203 -7.41 -27.19 14.04
N LYS B 204 -8.17 -26.48 13.20
CA LYS B 204 -7.82 -25.11 12.80
C LYS B 204 -7.56 -24.25 14.04
N GLU B 205 -8.56 -24.16 14.91
CA GLU B 205 -8.45 -23.33 16.16
C GLU B 205 -7.42 -23.84 17.17
N MET B 206 -7.05 -25.14 17.12
CA MET B 206 -5.92 -25.66 17.92
C MET B 206 -4.59 -24.94 17.51
N LEU B 207 -4.49 -24.53 16.23
CA LEU B 207 -3.32 -23.83 15.68
C LEU B 207 -3.32 -22.29 15.85
N TYR B 208 -4.42 -21.70 16.32
CA TYR B 208 -4.52 -20.23 16.51
C TYR B 208 -3.44 -19.69 17.46
N VAL B 209 -2.78 -18.61 17.03
CA VAL B 209 -1.67 -17.97 17.78
C VAL B 209 -2.09 -16.60 18.29
N GLU B 210 -2.40 -15.69 17.37
CA GLU B 210 -2.82 -14.33 17.68
C GLU B 210 -3.56 -13.69 16.55
N ARG B 211 -4.13 -12.51 16.84
CA ARG B 211 -4.82 -11.69 15.82
C ARG B 211 -4.36 -10.24 15.92
N ARG B 212 -4.42 -9.53 14.80
CA ARG B 212 -4.07 -8.10 14.68
C ARG B 212 -5.16 -7.54 13.79
N GLY B 213 -6.00 -6.67 14.37
CA GLY B 213 -7.19 -6.13 13.70
C GLY B 213 -8.06 -7.38 13.67
N GLU B 214 -8.54 -7.75 12.48
CA GLU B 214 -9.30 -9.01 12.27
C GLU B 214 -8.48 -10.02 11.40
N ASN B 215 -7.15 -9.82 11.29
CA ASN B 215 -6.25 -10.75 10.60
C ASN B 215 -5.79 -11.68 11.69
N ARG B 216 -5.99 -12.98 11.48
CA ARG B 216 -5.68 -14.03 12.44
C ARG B 216 -4.51 -14.89 11.99
N LEU B 217 -3.57 -15.16 12.90
CA LEU B 217 -2.40 -16.00 12.66
C LEU B 217 -2.61 -17.39 13.24
N TYR B 218 -2.52 -18.40 12.39
CA TYR B 218 -2.60 -19.82 12.76
C TYR B 218 -1.24 -20.41 12.43
N ALA B 219 -0.61 -21.15 13.35
CA ALA B 219 0.75 -21.71 13.10
C ALA B 219 1.13 -22.93 13.93
N LYS B 220 2.15 -23.65 13.43
CA LYS B 220 2.71 -24.85 14.07
C LYS B 220 4.19 -24.98 13.76
N SER B 221 4.98 -25.16 14.83
CA SER B 221 6.42 -25.32 14.76
C SER B 221 6.76 -26.79 14.72
N GLY B 222 7.95 -27.09 14.22
CA GLY B 222 8.45 -28.47 14.09
C GLY B 222 9.96 -28.52 14.10
N TRP B 223 10.54 -29.50 14.78
CA TRP B 223 11.98 -29.69 14.84
C TRP B 223 12.27 -31.18 14.78
N GLY B 224 12.76 -31.63 13.62
CA GLY B 224 13.16 -33.03 13.40
C GLY B 224 14.54 -33.14 14.05
N MET B 225 14.55 -33.41 15.34
CA MET B 225 15.79 -33.52 16.15
C MET B 225 16.50 -34.85 15.98
N ALA B 226 15.75 -35.91 15.65
CA ALA B 226 16.29 -37.29 15.51
C ALA B 226 16.76 -37.71 14.11
N VAL B 227 17.10 -36.74 13.24
CA VAL B 227 17.59 -37.00 11.88
C VAL B 227 18.73 -36.04 11.53
N ASP B 228 19.64 -36.49 10.67
CA ASP B 228 20.77 -35.73 10.18
C ASP B 228 20.50 -35.46 8.69
N PRO B 229 20.42 -34.20 8.21
CA PRO B 229 20.49 -33.00 9.01
C PRO B 229 19.12 -32.72 9.64
N GLN B 230 19.14 -32.04 10.80
CA GLN B 230 17.91 -31.69 11.53
C GLN B 230 17.13 -30.69 10.70
N VAL B 231 15.80 -30.86 10.67
CA VAL B 231 14.88 -29.99 9.91
C VAL B 231 14.04 -29.16 10.87
N GLY B 232 13.89 -27.86 10.55
CA GLY B 232 13.12 -26.89 11.33
C GLY B 232 11.97 -26.39 10.51
N TRP B 233 10.77 -26.46 11.06
CA TRP B 233 9.56 -26.03 10.42
C TRP B 233 8.84 -24.93 11.16
N TYR B 234 8.12 -24.11 10.42
CA TYR B 234 7.20 -23.10 11.00
C TYR B 234 6.20 -22.94 9.86
N VAL B 235 5.08 -23.64 10.00
CA VAL B 235 4.03 -23.74 9.02
C VAL B 235 2.74 -23.18 9.56
N GLY B 236 1.95 -22.56 8.68
CA GLY B 236 0.68 -21.99 9.10
C GLY B 236 -0.02 -21.20 8.02
N PHE B 237 -0.85 -20.25 8.45
CA PHE B 237 -1.55 -19.33 7.53
C PHE B 237 -2.07 -18.08 8.26
N VAL B 238 -2.28 -17.03 7.48
CA VAL B 238 -2.84 -15.77 7.98
C VAL B 238 -4.20 -15.66 7.31
N GLU B 239 -5.26 -15.60 8.13
CA GLU B 239 -6.63 -15.47 7.67
C GLU B 239 -6.98 -14.00 7.83
N LYS B 240 -7.18 -13.29 6.75
CA LYS B 240 -7.73 -11.93 6.80
C LYS B 240 -9.25 -11.91 6.84
N ALA B 241 -9.84 -10.86 7.40
CA ALA B 241 -11.28 -10.85 7.77
C ALA B 241 -12.13 -11.11 6.57
N ASP B 242 -11.65 -10.65 5.44
CA ASP B 242 -12.26 -10.67 4.12
C ASP B 242 -12.58 -12.07 3.72
N GLY B 243 -11.70 -12.97 4.08
CA GLY B 243 -11.91 -14.40 3.76
C GLY B 243 -10.63 -14.94 3.11
N GLN B 244 -9.84 -14.05 2.50
CA GLN B 244 -8.57 -14.33 1.85
C GLN B 244 -7.54 -14.87 2.82
N VAL B 245 -6.94 -15.98 2.45
CA VAL B 245 -5.93 -16.66 3.25
C VAL B 245 -4.60 -16.66 2.51
N VAL B 246 -3.51 -16.54 3.26
CA VAL B 246 -2.16 -16.66 2.77
C VAL B 246 -1.50 -17.68 3.70
N ALA B 247 -1.26 -18.88 3.17
CA ALA B 247 -0.58 -19.96 3.90
C ALA B 247 0.92 -19.75 3.74
N PHE B 248 1.68 -20.15 4.76
CA PHE B 248 3.13 -20.03 4.76
C PHE B 248 3.82 -21.26 5.36
N ALA B 249 5.12 -21.36 5.05
CA ALA B 249 5.98 -22.46 5.52
C ALA B 249 7.47 -22.13 5.51
N LEU B 250 8.03 -21.92 6.70
CA LEU B 250 9.44 -21.74 6.90
C LEU B 250 9.97 -23.16 7.04
N ASN B 251 10.95 -23.51 6.20
CA ASN B 251 11.67 -24.78 6.24
C ASN B 251 13.14 -24.43 6.22
N MET B 252 13.87 -24.81 7.26
CA MET B 252 15.29 -24.50 7.37
C MET B 252 16.11 -25.57 8.08
N GLN B 253 17.42 -25.41 7.93
CA GLN B 253 18.42 -26.25 8.55
C GLN B 253 18.47 -25.94 10.04
N MET B 254 18.54 -26.97 10.88
CA MET B 254 18.67 -26.80 12.33
C MET B 254 19.94 -27.50 12.80
N LYS B 255 20.43 -27.01 13.94
CA LYS B 255 21.63 -27.47 14.61
C LYS B 255 21.34 -27.51 16.11
N ALA B 256 22.08 -28.37 16.83
CA ALA B 256 21.92 -28.48 18.28
C ALA B 256 22.35 -27.16 18.92
N GLY B 257 21.49 -26.62 19.78
CA GLY B 257 21.73 -25.34 20.43
C GLY B 257 21.28 -24.10 19.68
N ASP B 258 20.49 -24.25 18.59
CA ASP B 258 19.93 -23.07 17.87
C ASP B 258 18.79 -22.49 18.68
N ASP B 259 18.53 -21.20 18.47
CA ASP B 259 17.48 -20.46 19.22
C ASP B 259 16.09 -20.99 18.87
N ILE B 260 15.43 -21.61 19.86
CA ILE B 260 14.06 -22.16 19.69
C ILE B 260 13.03 -21.11 19.19
N ALA B 261 13.20 -19.85 19.57
CA ALA B 261 12.31 -18.74 19.13
C ALA B 261 12.57 -18.20 17.72
N LEU B 262 13.71 -18.53 17.11
CA LEU B 262 14.10 -17.97 15.79
C LEU B 262 13.11 -18.23 14.68
N ARG B 263 12.68 -19.48 14.54
CA ARG B 263 11.74 -19.93 13.45
C ARG B 263 10.49 -19.05 13.35
N LYS B 264 9.80 -18.91 14.48
CA LYS B 264 8.60 -18.08 14.58
C LYS B 264 8.97 -16.64 14.28
N GLN B 265 9.97 -16.14 15.00
CA GLN B 265 10.45 -14.74 14.88
C GLN B 265 10.83 -14.35 13.44
N LEU B 266 11.56 -15.23 12.78
CA LEU B 266 11.93 -15.06 11.40
C LEU B 266 10.66 -15.03 10.53
N SER B 267 9.78 -16.01 10.73
CA SER B 267 8.52 -16.11 9.96
C SER B 267 7.67 -14.83 10.12
N LEU B 268 7.55 -14.31 11.35
CA LEU B 268 6.78 -13.06 11.59
C LEU B 268 7.45 -11.84 10.94
N ASP B 269 8.80 -11.79 10.98
CA ASP B 269 9.57 -10.74 10.28
C ASP B 269 9.31 -10.78 8.76
N VAL B 270 9.19 -11.98 8.19
CA VAL B 270 8.90 -12.15 6.74
C VAL B 270 7.45 -11.71 6.43
N LEU B 271 6.50 -12.23 7.22
CA LEU B 271 5.05 -11.87 7.09
C LEU B 271 4.81 -10.34 7.22
N ASP B 272 5.61 -9.68 8.06
CA ASP B 272 5.59 -8.24 8.23
C ASP B 272 6.07 -7.57 6.94
N LYS B 273 7.27 -7.94 6.48
CA LYS B 273 7.87 -7.37 5.24
C LYS B 273 7.02 -7.64 3.98
N LEU B 274 6.38 -8.81 3.93
CA LEU B 274 5.46 -9.15 2.81
C LEU B 274 4.15 -8.36 2.80
N GLY B 275 3.77 -7.77 3.93
CA GLY B 275 2.50 -7.05 4.06
C GLY B 275 1.30 -7.95 4.37
N VAL B 276 1.55 -9.23 4.66
CA VAL B 276 0.54 -10.22 4.97
C VAL B 276 0.10 -10.06 6.42
N PHE B 277 1.06 -9.78 7.34
CA PHE B 277 0.80 -9.65 8.77
C PHE B 277 1.75 -8.63 9.42
N HIS B 278 1.36 -7.35 9.31
CA HIS B 278 2.13 -6.21 9.84
C HIS B 278 2.22 -6.19 11.34
N TYR B 279 3.31 -5.63 11.87
CA TYR B 279 3.46 -5.44 13.32
C TYR B 279 2.64 -4.20 13.71
N LEU B 280 2.46 -3.99 15.00
CA LEU B 280 1.67 -2.86 15.50
C LEU B 280 2.59 -1.82 16.09
N ILE C 39 -7.56 44.37 -10.72
CA ILE C 39 -8.37 43.92 -11.92
C ILE C 39 -8.10 42.45 -12.36
N ILE C 40 -6.87 41.97 -12.16
CA ILE C 40 -6.50 40.55 -12.40
C ILE C 40 -7.44 39.73 -11.55
N ASP C 41 -7.51 40.07 -10.26
CA ASP C 41 -8.44 39.41 -9.30
C ASP C 41 -9.91 39.48 -9.79
N GLN C 42 -10.31 40.61 -10.40
CA GLN C 42 -11.67 40.76 -10.98
C GLN C 42 -11.86 39.79 -12.19
N ASN C 43 -10.90 39.80 -13.13
CA ASN C 43 -10.93 38.89 -14.34
C ASN C 43 -11.04 37.41 -13.98
N VAL C 44 -10.41 37.00 -12.87
CA VAL C 44 -10.50 35.63 -12.35
C VAL C 44 -11.93 35.32 -11.89
N GLN C 45 -12.52 36.20 -11.07
CA GLN C 45 -13.91 36.00 -10.57
C GLN C 45 -14.93 35.87 -11.68
N ALA C 46 -14.77 36.68 -12.73
CA ALA C 46 -15.69 36.66 -13.89
C ALA C 46 -15.77 35.27 -14.58
N LEU C 47 -14.68 34.47 -14.52
CA LEU C 47 -14.68 33.09 -15.03
C LEU C 47 -15.70 32.27 -14.26
N PHE C 48 -15.69 32.42 -12.93
CA PHE C 48 -16.63 31.71 -12.04
C PHE C 48 -18.13 32.04 -12.17
N ASN C 49 -18.49 33.07 -12.96
CA ASN C 49 -19.90 33.41 -13.28
C ASN C 49 -20.59 32.31 -14.10
N GLU C 50 -19.81 31.65 -14.95
CA GLU C 50 -20.26 30.50 -15.73
C GLU C 50 -20.53 29.28 -14.81
N ILE C 51 -19.69 29.13 -13.77
CA ILE C 51 -19.73 27.96 -12.88
C ILE C 51 -20.89 27.99 -11.87
N SER C 52 -21.94 27.23 -12.20
CA SER C 52 -23.10 27.04 -11.31
C SER C 52 -22.73 26.37 -9.97
N ALA C 53 -21.78 25.44 -9.99
CA ALA C 53 -21.32 24.73 -8.79
C ALA C 53 -20.57 25.61 -7.80
N ASP C 54 -20.57 25.19 -6.51
CA ASP C 54 -19.78 25.86 -5.46
C ASP C 54 -18.31 25.52 -5.70
N ALA C 55 -17.45 26.53 -5.72
CA ALA C 55 -16.03 26.36 -6.00
C ALA C 55 -15.12 27.35 -5.30
N VAL C 56 -13.85 26.98 -5.17
CA VAL C 56 -12.80 27.86 -4.62
C VAL C 56 -11.48 27.49 -5.30
N PHE C 57 -10.64 28.49 -5.57
CA PHE C 57 -9.32 28.29 -6.19
C PHE C 57 -8.36 29.00 -5.27
N VAL C 58 -7.50 28.23 -4.63
CA VAL C 58 -6.53 28.75 -3.67
C VAL C 58 -5.15 28.72 -4.29
N THR C 59 -4.39 29.82 -4.16
CA THR C 59 -3.00 29.90 -4.65
C THR C 59 -2.07 30.17 -3.47
N TYR C 60 -0.78 29.85 -3.65
CA TYR C 60 0.28 30.07 -2.63
C TYR C 60 1.64 30.21 -3.29
N ASP C 61 2.40 31.23 -2.90
CA ASP C 61 3.74 31.52 -3.49
C ASP C 61 4.87 31.47 -2.48
N GLY C 62 4.66 30.74 -1.38
CA GLY C 62 5.59 30.70 -0.24
C GLY C 62 5.47 31.87 0.72
N GLN C 63 4.50 32.78 0.51
CA GLN C 63 4.29 34.01 1.32
C GLN C 63 2.79 34.33 1.52
N ASN C 64 2.08 34.53 0.41
CA ASN C 64 0.65 34.85 0.40
C ASN C 64 -0.28 33.82 -0.21
N ILE C 65 -1.33 33.49 0.55
CA ILE C 65 -2.45 32.70 0.16
C ILE C 65 -3.42 33.68 -0.47
N LYS C 66 -3.99 33.32 -1.62
CA LYS C 66 -5.04 34.11 -2.28
C LYS C 66 -6.17 33.12 -2.54
N LYS C 67 -7.39 33.64 -2.49
CA LYS C 67 -8.64 32.87 -2.64
C LYS C 67 -9.48 33.46 -3.73
N TYR C 68 -10.07 32.58 -4.54
CA TYR C 68 -10.92 32.95 -5.68
C TYR C 68 -12.03 31.95 -5.77
N GLY C 69 -13.12 32.28 -6.48
CA GLY C 69 -14.26 31.36 -6.67
C GLY C 69 -15.64 31.85 -6.30
N THR C 70 -16.60 30.93 -6.45
CA THR C 70 -18.01 31.14 -6.14
C THR C 70 -18.35 31.01 -4.65
N HIS C 71 -17.59 30.17 -3.90
CA HIS C 71 -17.78 29.96 -2.46
C HIS C 71 -16.40 29.88 -1.75
N LEU C 72 -15.99 31.00 -1.15
CA LEU C 72 -14.64 31.15 -0.50
C LEU C 72 -14.42 30.41 0.82
N ASP C 73 -15.47 30.16 1.63
CA ASP C 73 -15.29 29.35 2.90
C ASP C 73 -14.78 27.93 2.66
N ARG C 74 -14.97 27.41 1.43
CA ARG C 74 -14.44 26.09 0.97
C ARG C 74 -12.93 25.95 1.23
N ALA C 75 -12.17 27.06 1.10
CA ALA C 75 -10.71 27.08 1.40
C ALA C 75 -10.35 26.66 2.84
N LYS C 76 -11.18 27.07 3.82
CA LYS C 76 -11.02 26.69 5.25
C LYS C 76 -11.69 25.35 5.59
N THR C 77 -12.48 24.77 4.67
CA THR C 77 -13.25 23.53 4.89
C THR C 77 -12.49 22.30 4.47
N ALA C 78 -12.50 21.27 5.33
CA ALA C 78 -11.80 19.99 5.07
C ALA C 78 -12.70 19.03 4.32
N TYR C 79 -12.18 18.46 3.23
CA TYR C 79 -12.88 17.49 2.38
C TYR C 79 -12.00 16.29 2.25
N ILE C 80 -12.58 15.15 1.84
CA ILE C 80 -11.76 13.95 1.61
C ILE C 80 -10.76 14.28 0.46
N PRO C 81 -9.49 13.87 0.60
CA PRO C 81 -8.48 14.17 -0.43
C PRO C 81 -8.74 13.50 -1.80
N ALA C 82 -9.37 12.30 -1.78
CA ALA C 82 -9.67 11.53 -2.99
C ALA C 82 -8.32 11.16 -3.70
N SER C 83 -8.24 11.21 -5.04
CA SER C 83 -7.00 10.81 -5.78
C SER C 83 -5.80 11.76 -5.51
N THR C 84 -6.03 12.97 -4.96
CA THR C 84 -4.92 13.89 -4.58
C THR C 84 -4.06 13.27 -3.43
N PHE C 85 -4.62 12.29 -2.67
CA PHE C 85 -3.87 11.54 -1.65
C PHE C 85 -2.72 10.69 -2.26
N ILE C 87 -0.36 11.46 -4.12
CA ILE C 87 0.85 12.24 -3.85
C ILE C 87 1.49 11.82 -2.50
N ALA C 88 0.70 11.90 -1.41
CA ALA C 88 1.16 11.50 -0.06
C ALA C 88 1.47 10.01 0.02
N ASN C 89 0.58 9.19 -0.55
CA ASN C 89 0.71 7.72 -0.58
C ASN C 89 2.04 7.30 -1.22
N ALA C 90 2.28 7.79 -2.44
CA ALA C 90 3.54 7.58 -3.19
C ALA C 90 4.76 7.93 -2.34
N LEU C 91 4.76 9.16 -1.78
CA LEU C 91 5.85 9.65 -0.89
C LEU C 91 6.09 8.71 0.29
N ILE C 92 5.01 8.35 1.00
CA ILE C 92 5.07 7.43 2.16
C ILE C 92 5.65 6.06 1.75
N GLY C 93 5.15 5.49 0.64
CA GLY C 93 5.61 4.20 0.12
C GLY C 93 7.10 4.15 -0.24
N LEU C 94 7.53 5.12 -1.05
CA LEU C 94 8.95 5.22 -1.48
C LEU C 94 9.88 5.46 -0.30
N GLU C 95 9.48 6.37 0.60
CA GLU C 95 10.22 6.69 1.83
C GLU C 95 10.49 5.46 2.68
N ASN C 96 9.48 4.60 2.80
CA ASN C 96 9.54 3.39 3.63
C ASN C 96 9.84 2.06 2.92
N HIS C 97 10.38 2.15 1.70
CA HIS C 97 10.79 0.97 0.90
C HIS C 97 9.68 -0.07 0.57
N LYS C 98 8.44 0.40 0.47
CA LYS C 98 7.29 -0.46 0.11
C LYS C 98 7.15 -0.55 -1.42
N ALA C 99 7.79 0.38 -2.14
CA ALA C 99 7.80 0.41 -3.60
C ALA C 99 8.98 1.23 -4.13
N THR C 100 9.24 1.07 -5.42
CA THR C 100 10.23 1.89 -6.13
C THR C 100 9.42 2.53 -7.23
N SER C 101 10.02 3.56 -7.83
CA SER C 101 9.42 4.31 -8.94
C SER C 101 9.45 3.52 -10.28
N THR C 102 10.37 2.56 -10.42
CA THR C 102 10.49 1.70 -11.64
C THR C 102 9.80 0.33 -11.52
N GLU C 103 9.33 -0.01 -10.30
CA GLU C 103 8.64 -1.27 -10.04
C GLU C 103 7.28 -1.25 -10.71
N ILE C 104 6.89 -2.41 -11.24
CA ILE C 104 5.63 -2.59 -11.97
C ILE C 104 4.59 -3.33 -11.10
N PHE C 105 3.41 -2.73 -10.95
CA PHE C 105 2.25 -3.27 -10.22
C PHE C 105 1.42 -3.99 -11.27
N LYS C 106 1.48 -5.32 -11.26
CA LYS C 106 0.86 -6.15 -12.31
C LYS C 106 -0.65 -6.12 -12.16
N TRP C 107 -1.37 -6.16 -13.29
CA TRP C 107 -2.84 -6.24 -13.28
C TRP C 107 -3.23 -7.64 -12.79
N ASP C 108 -4.27 -7.72 -11.95
CA ASP C 108 -4.76 -9.00 -11.38
C ASP C 108 -5.79 -9.77 -12.24
N GLY C 109 -6.15 -9.20 -13.40
CA GLY C 109 -7.13 -9.75 -14.31
C GLY C 109 -8.57 -9.34 -14.04
N LYS C 110 -8.86 -8.74 -12.85
CA LYS C 110 -10.21 -8.35 -12.48
C LYS C 110 -10.48 -7.04 -13.19
N PRO C 111 -11.50 -6.98 -14.11
CA PRO C 111 -11.78 -5.71 -14.82
C PRO C 111 -12.13 -4.61 -13.82
N ARG C 112 -11.37 -3.53 -13.85
CA ARG C 112 -11.51 -2.39 -12.93
C ARG C 112 -12.57 -1.41 -13.44
N PHE C 113 -12.88 -0.40 -12.61
CA PHE C 113 -13.93 0.64 -12.92
C PHE C 113 -13.81 1.26 -14.34
N PHE C 114 -12.56 1.55 -14.74
CA PHE C 114 -12.17 2.05 -16.06
C PHE C 114 -11.41 1.01 -16.84
N LYS C 115 -11.80 0.69 -18.08
CA LYS C 115 -11.04 -0.28 -18.92
C LYS C 115 -9.59 0.14 -19.00
N ALA C 116 -9.36 1.45 -19.12
CA ALA C 116 -8.02 2.03 -19.09
C ALA C 116 -7.10 1.45 -17.97
N TRP C 117 -7.67 1.19 -16.79
CA TRP C 117 -6.91 0.59 -15.67
C TRP C 117 -6.60 -0.94 -15.76
N ASP C 118 -7.17 -1.67 -16.74
CA ASP C 118 -6.92 -3.14 -16.96
C ASP C 118 -5.55 -3.33 -17.61
N LYS C 119 -4.50 -3.00 -16.85
CA LYS C 119 -3.15 -2.89 -17.33
C LYS C 119 -2.11 -2.84 -16.21
N ASP C 120 -0.86 -3.14 -16.55
CA ASP C 120 0.26 -3.04 -15.61
C ASP C 120 0.66 -1.56 -15.50
N PHE C 121 1.13 -1.15 -14.32
CA PHE C 121 1.56 0.23 -14.08
C PHE C 121 2.73 0.37 -13.14
N THR C 122 3.50 1.44 -13.36
CA THR C 122 4.51 1.91 -12.44
C THR C 122 3.74 2.99 -11.67
N LEU C 123 4.24 3.36 -10.48
CA LEU C 123 3.57 4.41 -9.64
C LEU C 123 3.35 5.72 -10.39
N GLY C 124 4.32 6.10 -11.24
CA GLY C 124 4.23 7.29 -12.08
C GLY C 124 3.15 7.15 -13.15
N GLU C 125 3.11 6.01 -13.84
CA GLU C 125 2.06 5.74 -14.86
C GLU C 125 0.65 5.71 -14.23
N ALA C 126 0.55 5.04 -13.07
CA ALA C 126 -0.69 4.96 -12.28
C ALA C 126 -1.09 6.33 -11.74
N MET C 127 -0.08 7.15 -11.37
CA MET C 127 -0.33 8.52 -10.91
C MET C 127 -1.03 9.32 -12.01
N GLN C 128 -0.44 9.30 -13.22
N GLN C 128 -0.46 9.31 -13.23
CA GLN C 128 -1.02 9.96 -14.43
CA GLN C 128 -1.03 10.09 -14.36
C GLN C 128 -2.43 9.46 -14.77
C GLN C 128 -2.38 9.48 -14.87
N ALA C 129 -2.63 8.16 -14.63
CA ALA C 129 -3.92 7.50 -14.95
C ALA C 129 -4.95 7.47 -13.77
N SER C 130 -4.55 7.91 -12.55
CA SER C 130 -5.40 7.85 -11.29
C SER C 130 -5.86 6.41 -10.98
N THR C 131 -4.95 5.45 -11.23
CA THR C 131 -5.23 4.02 -11.08
C THR C 131 -5.34 3.69 -9.58
N VAL C 132 -6.58 3.76 -9.10
CA VAL C 132 -6.93 3.57 -7.67
C VAL C 132 -6.39 2.24 -7.13
N PRO C 133 -6.70 1.09 -7.83
CA PRO C 133 -6.24 -0.24 -7.36
C PRO C 133 -4.72 -0.36 -7.10
N VAL C 134 -3.90 0.33 -7.91
CA VAL C 134 -2.42 0.35 -7.73
C VAL C 134 -2.02 0.99 -6.40
N TYR C 135 -2.62 2.14 -6.10
CA TYR C 135 -2.36 2.85 -4.82
C TYR C 135 -3.01 2.14 -3.62
N GLN C 136 -4.11 1.42 -3.86
CA GLN C 136 -4.73 0.56 -2.82
C GLN C 136 -3.73 -0.53 -2.42
N GLU C 137 -3.11 -1.17 -3.44
CA GLU C 137 -2.05 -2.17 -3.24
C GLU C 137 -0.92 -1.55 -2.43
N LEU C 138 -0.49 -0.34 -2.84
CA LEU C 138 0.57 0.38 -2.12
C LEU C 138 0.20 0.61 -0.66
N ALA C 139 -0.99 1.17 -0.41
CA ALA C 139 -1.47 1.42 0.97
C ALA C 139 -1.43 0.13 1.82
N ARG C 140 -1.91 -0.98 1.25
CA ARG C 140 -1.88 -2.30 1.92
C ARG C 140 -0.44 -2.72 2.26
N ARG C 141 0.50 -2.48 1.33
CA ARG C 141 1.94 -2.75 1.58
C ARG C 141 2.49 -1.89 2.73
N ILE C 142 2.05 -0.64 2.81
CA ILE C 142 2.43 0.30 3.90
C ILE C 142 1.85 -0.23 5.24
N GLY C 143 0.59 -0.65 5.22
CA GLY C 143 -0.09 -1.15 6.42
C GLY C 143 -0.70 -0.02 7.23
N PRO C 144 -1.69 -0.34 8.11
CA PRO C 144 -2.38 0.74 8.85
C PRO C 144 -1.54 1.43 9.92
N SER C 145 -0.64 0.68 10.60
CA SER C 145 0.22 1.24 11.67
C SER C 145 1.15 2.30 11.10
N LEU C 146 1.92 1.91 10.07
CA LEU C 146 2.87 2.83 9.40
C LEU C 146 2.17 4.02 8.76
N MET C 147 1.04 3.78 8.08
CA MET C 147 0.27 4.87 7.42
C MET C 147 -0.15 5.92 8.46
N GLN C 148 -0.67 5.46 9.59
CA GLN C 148 -1.08 6.34 10.71
C GLN C 148 0.08 7.23 11.18
N SER C 149 1.15 6.59 11.68
CA SER C 149 2.33 7.32 12.21
C SER C 149 2.92 8.33 11.20
N GLU C 150 2.98 7.92 9.92
CA GLU C 150 3.49 8.79 8.85
C GLU C 150 2.63 10.02 8.66
N LEU C 151 1.33 9.81 8.50
CA LEU C 151 0.37 10.94 8.36
C LEU C 151 0.45 11.89 9.57
N GLN C 152 0.63 11.31 10.77
CA GLN C 152 0.85 12.11 11.99
C GLN C 152 2.20 12.85 11.96
N ARG C 153 3.25 12.15 11.54
CA ARG C 153 4.59 12.72 11.41
C ARG C 153 4.57 13.94 10.50
N ILE C 154 4.01 13.78 9.30
CA ILE C 154 3.95 14.88 8.29
C ILE C 154 2.81 15.91 8.49
N GLY C 155 1.82 15.58 9.32
CA GLY C 155 0.70 16.47 9.58
C GLY C 155 -0.25 16.63 8.42
N TYR C 156 -0.55 15.53 7.72
CA TYR C 156 -1.45 15.56 6.55
C TYR C 156 -2.92 15.62 6.98
N GLY C 157 -3.55 16.80 6.77
CA GLY C 157 -4.99 17.01 7.10
C GLY C 157 -5.36 16.69 8.52
N ASN C 158 -6.50 15.99 8.70
CA ASN C 158 -6.94 15.54 10.05
C ASN C 158 -6.22 14.26 10.52
N MET C 159 -5.43 13.62 9.65
CA MET C 159 -4.59 12.45 9.96
C MET C 159 -5.34 11.20 10.47
N GLN C 160 -6.62 11.06 10.07
CA GLN C 160 -7.47 9.93 10.47
C GLN C 160 -7.59 8.96 9.31
N ILE C 161 -7.36 7.68 9.57
CA ILE C 161 -7.51 6.61 8.56
C ILE C 161 -8.60 5.55 8.87
N GLY C 162 -9.16 5.57 10.05
CA GLY C 162 -10.09 4.55 10.43
C GLY C 162 -9.53 3.15 10.47
N THR C 163 -10.31 2.18 10.01
CA THR C 163 -9.95 0.75 10.00
C THR C 163 -9.64 0.10 8.63
N GLU C 164 -9.84 0.82 7.52
CA GLU C 164 -9.60 0.31 6.16
C GLU C 164 -8.49 1.13 5.54
N VAL C 165 -7.27 0.57 5.55
CA VAL C 165 -6.04 1.21 5.05
C VAL C 165 -6.04 1.51 3.52
N ASP C 166 -6.89 0.82 2.76
CA ASP C 166 -7.04 1.03 1.30
C ASP C 166 -8.33 1.79 0.89
N GLN C 167 -9.02 2.43 1.86
CA GLN C 167 -10.28 3.18 1.61
C GLN C 167 -10.42 4.60 2.17
N PHE C 168 -9.77 4.91 3.30
CA PHE C 168 -9.90 6.24 4.02
C PHE C 168 -9.91 7.55 3.17
N TRP C 169 -9.05 7.61 2.16
CA TRP C 169 -8.96 8.79 1.26
C TRP C 169 -10.15 8.87 0.26
N LEU C 170 -10.80 7.73 -0.03
CA LEU C 170 -11.95 7.63 -0.96
C LEU C 170 -13.33 7.79 -0.31
N LYS C 171 -13.45 7.49 0.99
CA LYS C 171 -14.73 7.62 1.75
C LYS C 171 -14.63 8.23 3.16
N GLY C 172 -13.45 8.74 3.57
CA GLY C 172 -13.23 9.27 4.93
C GLY C 172 -12.75 8.10 5.80
N PRO C 173 -12.36 8.33 7.06
CA PRO C 173 -12.41 9.64 7.76
C PRO C 173 -11.36 10.71 7.41
N LEU C 174 -10.37 10.44 6.53
CA LEU C 174 -9.35 11.44 6.22
C LEU C 174 -9.92 12.64 5.48
N THR C 175 -9.63 13.83 5.97
CA THR C 175 -10.05 15.09 5.37
C THR C 175 -8.86 16.03 5.37
N ILE C 176 -8.92 17.01 4.48
CA ILE C 176 -7.87 18.00 4.29
C ILE C 176 -8.48 19.23 3.60
N THR C 177 -8.03 20.43 4.02
CA THR C 177 -8.54 21.67 3.43
C THR C 177 -7.74 22.02 2.17
N PRO C 178 -8.33 22.80 1.24
CA PRO C 178 -7.54 23.26 0.07
C PRO C 178 -6.28 24.06 0.46
N ILE C 179 -6.34 24.83 1.56
CA ILE C 179 -5.17 25.58 2.09
C ILE C 179 -4.06 24.58 2.46
N GLN C 180 -4.44 23.48 3.14
CA GLN C 180 -3.47 22.42 3.51
C GLN C 180 -2.88 21.73 2.30
N GLU C 181 -3.68 21.52 1.25
CA GLU C 181 -3.22 20.94 -0.03
C GLU C 181 -2.14 21.81 -0.68
N VAL C 182 -2.42 23.11 -0.88
CA VAL C 182 -1.42 24.04 -1.51
C VAL C 182 -0.12 24.17 -0.72
N LYS C 183 -0.18 24.25 0.61
CA LYS C 183 1.05 24.32 1.45
C LYS C 183 1.86 23.01 1.34
N PHE C 184 1.15 21.88 1.33
CA PHE C 184 1.76 20.57 1.18
C PHE C 184 2.41 20.38 -0.20
N VAL C 185 1.68 20.73 -1.27
CA VAL C 185 2.17 20.57 -2.67
C VAL C 185 3.25 21.64 -3.01
N TYR C 186 3.19 22.83 -2.38
CA TYR C 186 4.24 23.86 -2.54
C TYR C 186 5.57 23.35 -1.98
N ASP C 187 5.51 22.69 -0.81
CA ASP C 187 6.72 22.10 -0.18
C ASP C 187 7.29 20.97 -1.03
N LEU C 188 6.42 20.12 -1.63
CA LEU C 188 6.87 19.08 -2.57
C LEU C 188 7.71 19.71 -3.68
N ALA C 189 7.17 20.79 -4.27
CA ALA C 189 7.88 21.56 -5.32
C ALA C 189 9.26 22.01 -4.86
N GLN C 190 9.31 22.61 -3.67
CA GLN C 190 10.58 23.10 -3.09
C GLN C 190 11.48 22.04 -2.41
N GLY C 191 11.06 20.76 -2.37
CA GLY C 191 11.81 19.70 -1.68
C GLY C 191 11.82 19.89 -0.16
N GLN C 192 10.81 20.57 0.41
CA GLN C 192 10.76 20.89 1.86
C GLN C 192 9.91 20.00 2.72
N LEU C 193 9.26 18.99 2.13
CA LEU C 193 8.46 18.03 2.91
C LEU C 193 9.43 17.15 3.70
N PRO C 194 9.01 16.62 4.89
CA PRO C 194 9.95 15.76 5.67
C PRO C 194 10.08 14.34 5.05
N PHE C 195 10.80 14.30 3.92
CA PHE C 195 11.06 13.10 3.12
C PHE C 195 12.43 13.20 2.48
N LYS C 196 12.91 12.05 2.00
CA LYS C 196 14.20 11.99 1.30
C LYS C 196 14.13 12.89 0.03
N PRO C 197 15.20 13.67 -0.26
CA PRO C 197 15.16 14.56 -1.45
C PRO C 197 14.77 13.85 -2.77
N GLU C 198 15.45 12.72 -3.03
CA GLU C 198 15.17 11.86 -4.22
C GLU C 198 13.75 11.28 -4.24
N VAL C 199 13.17 11.02 -3.06
CA VAL C 199 11.77 10.56 -2.95
C VAL C 199 10.86 11.68 -3.43
N GLN C 200 11.05 12.89 -2.88
CA GLN C 200 10.28 14.10 -3.27
C GLN C 200 10.40 14.40 -4.77
N GLN C 201 11.63 14.26 -5.28
CA GLN C 201 11.94 14.42 -6.71
C GLN C 201 11.11 13.49 -7.60
N GLN C 202 11.11 12.21 -7.24
CA GLN C 202 10.37 11.16 -8.02
C GLN C 202 8.88 11.43 -8.08
N VAL C 203 8.28 11.67 -6.92
CA VAL C 203 6.84 11.97 -6.85
C VAL C 203 6.53 13.28 -7.61
N LYS C 204 7.39 14.30 -7.47
CA LYS C 204 7.24 15.57 -8.19
C LYS C 204 7.04 15.31 -9.70
N GLU C 205 8.00 14.63 -10.32
CA GLU C 205 7.91 14.35 -11.81
C GLU C 205 6.75 13.41 -12.19
N MET C 206 6.24 12.61 -11.24
CA MET C 206 5.01 11.83 -11.48
C MET C 206 3.82 12.79 -11.78
N LEU C 207 3.85 13.97 -11.16
CA LEU C 207 2.83 15.01 -11.33
C LEU C 207 2.98 15.93 -12.55
N TYR C 208 4.11 15.87 -13.26
CA TYR C 208 4.36 16.74 -14.43
C TYR C 208 3.28 16.57 -15.51
N VAL C 209 2.77 17.70 -16.02
CA VAL C 209 1.72 17.75 -17.04
C VAL C 209 2.27 18.29 -18.37
N GLU C 210 2.71 19.55 -18.35
CA GLU C 210 3.26 20.21 -19.55
C GLU C 210 4.16 21.37 -19.18
N ARG C 211 4.88 21.90 -20.18
CA ARG C 211 5.72 23.09 -20.00
C ARG C 211 5.43 24.07 -21.14
N ARG C 212 5.59 25.35 -20.81
CA ARG C 212 5.40 26.48 -21.74
C ARG C 212 6.58 27.37 -21.45
N GLY C 213 7.49 27.47 -22.44
CA GLY C 213 8.78 28.19 -22.29
C GLY C 213 9.50 27.24 -21.32
N GLU C 214 10.00 27.80 -20.21
CA GLU C 214 10.62 26.99 -19.12
C GLU C 214 9.70 27.02 -17.82
N ASN C 215 8.40 27.38 -17.98
CA ASN C 215 7.42 27.34 -16.89
C ASN C 215 6.81 25.96 -17.01
N ARG C 216 6.84 25.19 -15.92
CA ARG C 216 6.39 23.81 -15.88
C ARG C 216 5.13 23.66 -15.03
N LEU C 217 4.13 22.91 -15.53
CA LEU C 217 2.89 22.62 -14.82
C LEU C 217 2.95 21.25 -14.23
N TYR C 218 2.77 21.16 -12.91
CA TYR C 218 2.67 19.91 -12.14
C TYR C 218 1.27 19.89 -11.55
N ALA C 219 0.53 18.78 -11.69
CA ALA C 219 -0.86 18.70 -11.17
C ALA C 219 -1.41 17.31 -10.93
N LYS C 220 -2.45 17.27 -10.09
CA LYS C 220 -3.17 16.03 -9.75
C LYS C 220 -4.66 16.33 -9.56
N SER C 221 -5.49 15.54 -10.26
CA SER C 221 -6.95 15.63 -10.19
C SER C 221 -7.46 14.67 -9.15
N GLY C 222 -8.67 14.92 -8.67
CA GLY C 222 -9.33 14.09 -7.66
C GLY C 222 -10.83 14.25 -7.70
N TRP C 223 -11.56 13.15 -7.51
CA TRP C 223 -13.00 13.14 -7.50
C TRP C 223 -13.47 12.17 -6.41
N GLY C 224 -13.97 12.72 -5.30
CA GLY C 224 -14.53 11.94 -4.20
C GLY C 224 -15.94 11.56 -4.65
N MET C 225 -16.04 10.46 -5.38
CA MET C 225 -17.31 9.96 -5.94
C MET C 225 -18.18 9.21 -4.93
N ALA C 226 -17.55 8.60 -3.91
CA ALA C 226 -18.23 7.78 -2.90
C ALA C 226 -18.70 8.53 -1.63
N VAL C 227 -18.88 9.85 -1.69
CA VAL C 227 -19.35 10.66 -0.56
C VAL C 227 -20.33 11.73 -1.04
N ASP C 228 -21.23 12.13 -0.13
CA ASP C 228 -22.22 13.16 -0.37
C ASP C 228 -21.81 14.35 0.55
N PRO C 229 -21.54 15.55 0.00
CA PRO C 229 -21.55 15.85 -1.43
C PRO C 229 -20.21 15.41 -2.04
N GLN C 230 -20.24 15.11 -3.34
CA GLN C 230 -19.04 14.71 -4.07
C GLN C 230 -18.09 15.93 -4.15
N VAL C 231 -16.79 15.69 -3.92
CA VAL C 231 -15.76 16.76 -3.94
C VAL C 231 -14.85 16.55 -5.17
N GLY C 232 -14.54 17.66 -5.83
CA GLY C 232 -13.69 17.70 -7.02
C GLY C 232 -12.45 18.52 -6.75
N TRP C 233 -11.30 17.94 -7.05
CA TRP C 233 -10.02 18.56 -6.82
C TRP C 233 -9.21 18.72 -8.09
N TYR C 234 -8.36 19.75 -8.08
CA TYR C 234 -7.33 19.92 -9.13
C TYR C 234 -6.28 20.72 -8.38
N VAL C 235 -5.26 19.99 -7.91
CA VAL C 235 -4.19 20.51 -7.08
C VAL C 235 -2.86 20.38 -7.77
N GLY C 236 -1.99 21.38 -7.61
CA GLY C 236 -0.67 21.35 -8.22
C GLY C 236 0.16 22.57 -7.97
N PHE C 237 1.10 22.82 -8.88
CA PHE C 237 1.94 24.02 -8.84
C PHE C 237 2.55 24.33 -10.21
N VAL C 238 2.92 25.58 -10.40
CA VAL C 238 3.57 26.06 -11.61
C VAL C 238 4.97 26.46 -11.17
N GLU C 239 5.99 25.82 -11.77
CA GLU C 239 7.38 26.07 -11.46
C GLU C 239 7.87 26.96 -12.59
N LYS C 240 8.03 28.23 -12.29
CA LYS C 240 8.54 29.23 -13.17
C LYS C 240 10.02 29.15 -13.28
N ALA C 241 10.50 29.79 -14.32
CA ALA C 241 11.86 29.67 -14.79
C ALA C 241 12.84 30.04 -13.69
N ASP C 242 12.42 31.04 -12.94
CA ASP C 242 13.17 31.77 -11.93
C ASP C 242 13.63 30.89 -10.78
N GLY C 243 12.84 29.90 -10.44
CA GLY C 243 12.94 29.10 -9.20
C GLY C 243 11.64 29.30 -8.39
N GLN C 244 10.92 30.40 -8.67
CA GLN C 244 9.66 30.77 -8.06
C GLN C 244 8.56 29.81 -8.43
N VAL C 245 7.87 29.33 -7.40
CA VAL C 245 6.78 28.40 -7.52
C VAL C 245 5.50 29.08 -7.05
N VAL C 246 4.39 28.75 -7.73
CA VAL C 246 3.04 29.18 -7.35
C VAL C 246 2.22 27.89 -7.31
N ALA C 247 1.88 27.45 -6.09
CA ALA C 247 1.04 26.27 -5.85
C ALA C 247 -0.41 26.67 -5.96
N PHE C 248 -1.24 25.76 -6.44
CA PHE C 248 -2.67 26.02 -6.63
C PHE C 248 -3.52 24.82 -6.24
N ALA C 249 -4.81 25.09 -6.02
CA ALA C 249 -5.80 24.08 -5.64
C ALA C 249 -7.23 24.51 -5.94
N LEU C 250 -7.82 23.88 -6.97
CA LEU C 250 -9.21 24.02 -7.32
C LEU C 250 -9.91 23.00 -6.45
N ASN C 251 -10.89 23.46 -5.67
CA ASN C 251 -11.76 22.61 -4.85
C ASN C 251 -13.17 23.04 -5.16
N MET C 252 -14.00 22.11 -5.65
CA MET C 252 -15.39 22.39 -6.00
C MET C 252 -16.36 21.24 -5.79
N GLN C 253 -17.64 21.60 -5.87
CA GLN C 253 -18.75 20.68 -5.78
C GLN C 253 -18.85 19.85 -7.06
N MET C 254 -19.10 18.56 -6.94
CA MET C 254 -19.26 17.67 -8.09
C MET C 254 -20.62 16.98 -8.02
N LYS C 255 -21.08 16.56 -9.19
CA LYS C 255 -22.33 15.88 -9.43
C LYS C 255 -22.12 14.79 -10.46
N ALA C 256 -22.97 13.76 -10.43
CA ALA C 256 -22.92 12.67 -11.40
C ALA C 256 -23.22 13.24 -12.79
N GLY C 257 -22.39 12.90 -13.76
CA GLY C 257 -22.52 13.40 -15.13
C GLY C 257 -21.83 14.73 -15.42
N ASP C 258 -21.02 15.28 -14.49
CA ASP C 258 -20.27 16.53 -14.73
C ASP C 258 -19.11 16.24 -15.68
N ASP C 259 -18.68 17.28 -16.43
CA ASP C 259 -17.60 17.16 -17.42
C ASP C 259 -16.26 16.89 -16.72
N ILE C 260 -15.71 15.69 -16.94
CA ILE C 260 -14.42 15.28 -16.34
C ILE C 260 -13.26 16.27 -16.64
N ALA C 261 -13.26 16.86 -17.84
CA ALA C 261 -12.22 17.82 -18.24
C ALA C 261 -12.34 19.24 -17.64
N LEU C 262 -13.50 19.59 -17.08
CA LEU C 262 -13.76 20.96 -16.54
C LEU C 262 -12.77 21.43 -15.49
N ARG C 263 -12.51 20.59 -14.49
CA ARG C 263 -11.59 20.94 -13.35
C ARG C 263 -10.23 21.45 -13.82
N LYS C 264 -9.58 20.67 -14.68
CA LYS C 264 -8.28 21.04 -15.26
C LYS C 264 -8.45 22.31 -16.07
N GLN C 265 -9.38 22.26 -17.03
CA GLN C 265 -9.70 23.40 -17.94
C GLN C 265 -9.97 24.72 -17.20
N LEU C 266 -10.77 24.65 -16.13
CA LEU C 266 -11.08 25.80 -15.28
C LEU C 266 -9.79 26.28 -14.64
N SER C 267 -9.04 25.35 -14.03
CA SER C 267 -7.75 25.68 -13.37
C SER C 267 -6.77 26.36 -14.34
N LEU C 268 -6.65 25.83 -15.57
CA LEU C 268 -5.75 26.43 -16.60
C LEU C 268 -6.24 27.83 -17.02
N ASP C 269 -7.56 28.00 -17.15
CA ASP C 269 -8.19 29.31 -17.46
C ASP C 269 -7.86 30.35 -16.36
N VAL C 270 -7.85 29.90 -15.10
CA VAL C 270 -7.52 30.77 -13.94
C VAL C 270 -6.04 31.14 -13.97
N LEU C 271 -5.20 30.12 -14.11
CA LEU C 271 -3.72 30.30 -14.19
C LEU C 271 -3.31 31.22 -15.36
N ASP C 272 -4.06 31.16 -16.47
CA ASP C 272 -3.87 32.05 -17.62
C ASP C 272 -4.21 33.49 -17.23
N LYS C 273 -5.43 33.69 -16.70
CA LYS C 273 -5.87 35.05 -16.27
C LYS C 273 -5.01 35.64 -15.15
N LEU C 274 -4.50 34.79 -14.25
CA LEU C 274 -3.58 35.26 -13.18
C LEU C 274 -2.18 35.66 -13.68
N GLY C 275 -1.77 35.18 -14.87
CA GLY C 275 -0.43 35.45 -15.42
C GLY C 275 0.62 34.45 -14.92
N VAL C 276 0.20 33.40 -14.20
CA VAL C 276 1.07 32.37 -13.67
C VAL C 276 1.43 31.37 -14.76
N PHE C 277 0.47 31.02 -15.63
CA PHE C 277 0.65 30.04 -16.71
C PHE C 277 -0.20 30.40 -17.95
N HIS C 278 0.34 31.32 -18.76
CA HIS C 278 -0.29 31.82 -20.01
C HIS C 278 -0.48 30.77 -21.06
N TYR C 279 -1.52 30.91 -21.89
CA TYR C 279 -1.73 30.01 -23.03
C TYR C 279 -0.77 30.34 -24.18
N LEU C 280 -0.77 29.45 -25.18
CA LEU C 280 0.02 29.56 -26.39
C LEU C 280 -0.87 30.05 -27.52
N ASN D 37 -12.14 16.27 24.61
CA ASN D 37 -12.46 17.27 23.50
C ASN D 37 -13.43 18.37 23.99
N SER D 38 -14.68 17.99 24.26
CA SER D 38 -15.65 18.85 24.92
C SER D 38 -15.16 18.97 26.39
N ILE D 39 -14.55 17.87 26.89
CA ILE D 39 -13.96 17.78 28.24
C ILE D 39 -12.77 18.75 28.41
N ILE D 40 -11.94 18.87 27.36
CA ILE D 40 -10.82 19.83 27.30
C ILE D 40 -11.44 21.19 27.56
N ASP D 41 -12.50 21.50 26.82
CA ASP D 41 -13.25 22.77 26.99
C ASP D 41 -13.77 22.93 28.45
N GLN D 42 -14.23 21.85 29.08
CA GLN D 42 -14.64 21.87 30.50
C GLN D 42 -13.46 22.16 31.45
N ASN D 43 -12.33 21.46 31.25
CA ASN D 43 -11.09 21.67 32.08
C ASN D 43 -10.56 23.09 32.04
N VAL D 44 -10.73 23.75 30.89
CA VAL D 44 -10.37 25.15 30.71
C VAL D 44 -11.28 26.04 31.58
N GLN D 45 -12.60 25.81 31.52
CA GLN D 45 -13.58 26.58 32.34
C GLN D 45 -13.29 26.48 33.84
N ALA D 46 -12.91 25.30 34.33
CA ALA D 46 -12.55 25.08 35.76
C ALA D 46 -11.42 26.05 36.27
N LEU D 47 -10.52 26.50 35.37
CA LEU D 47 -9.48 27.50 35.71
C LEU D 47 -10.16 28.79 36.09
N PHE D 48 -11.15 29.18 35.27
CA PHE D 48 -11.92 30.44 35.47
C PHE D 48 -12.76 30.52 36.78
N ASN D 49 -12.90 29.42 37.55
CA ASN D 49 -13.57 29.40 38.87
C ASN D 49 -12.84 30.26 39.90
N GLU D 50 -11.50 30.28 39.81
CA GLU D 50 -10.67 31.13 40.66
C GLU D 50 -10.80 32.62 40.26
N ILE D 51 -10.99 32.92 38.97
CA ILE D 51 -11.02 34.29 38.46
C ILE D 51 -12.33 35.03 38.78
N SER D 52 -12.31 35.86 39.82
CA SER D 52 -13.47 36.70 40.19
C SER D 52 -13.80 37.74 39.09
N ALA D 53 -12.77 38.25 38.39
CA ALA D 53 -12.95 39.24 37.30
C ALA D 53 -13.66 38.68 36.06
N ASP D 54 -14.31 39.58 35.29
CA ASP D 54 -14.93 39.24 34.01
C ASP D 54 -13.79 39.00 33.04
N ALA D 55 -13.84 37.86 32.34
CA ALA D 55 -12.80 37.47 31.40
C ALA D 55 -13.31 36.65 30.25
N VAL D 56 -12.53 36.65 29.16
CA VAL D 56 -12.79 35.80 27.98
C VAL D 56 -11.44 35.45 27.34
N PHE D 57 -11.31 34.24 26.82
CA PHE D 57 -10.11 33.77 26.17
C PHE D 57 -10.57 33.23 24.83
N VAL D 58 -10.16 33.91 23.77
CA VAL D 58 -10.54 33.56 22.41
C VAL D 58 -9.35 32.94 21.69
N THR D 59 -9.59 31.83 20.96
CA THR D 59 -8.56 31.18 20.15
C THR D 59 -9.02 31.14 18.69
N TYR D 60 -8.05 30.99 17.79
CA TYR D 60 -8.29 30.89 16.32
C TYR D 60 -7.17 30.08 15.68
N ASP D 61 -7.53 29.14 14.84
CA ASP D 61 -6.57 28.22 14.17
C ASP D 61 -6.60 28.31 12.64
N GLY D 62 -7.08 29.44 12.12
CA GLY D 62 -7.29 29.63 10.67
C GLY D 62 -8.59 29.02 10.16
N GLN D 63 -9.45 28.49 11.06
CA GLN D 63 -10.72 27.84 10.72
C GLN D 63 -11.84 28.15 11.70
N ASN D 64 -11.61 27.80 12.97
CA ASN D 64 -12.57 27.91 14.04
C ASN D 64 -12.18 28.86 15.16
N ILE D 65 -13.13 29.71 15.54
CA ILE D 65 -13.01 30.57 16.68
C ILE D 65 -13.58 29.77 17.85
N LYS D 66 -12.87 29.77 18.99
CA LYS D 66 -13.38 29.13 20.22
C LYS D 66 -13.33 30.18 21.32
N LYS D 67 -14.26 30.08 22.27
CA LYS D 67 -14.44 31.00 23.37
C LYS D 67 -14.40 30.29 24.69
N TYR D 68 -13.72 30.90 25.66
CA TYR D 68 -13.60 30.38 27.01
C TYR D 68 -13.66 31.54 27.98
N GLY D 69 -13.94 31.27 29.25
CA GLY D 69 -13.96 32.32 30.30
C GLY D 69 -15.20 32.48 31.15
N THR D 70 -15.14 33.49 32.02
CA THR D 70 -16.20 33.86 32.96
C THR D 70 -17.34 34.68 32.32
N HIS D 71 -17.02 35.51 31.31
CA HIS D 71 -18.01 36.34 30.59
C HIS D 71 -17.73 36.29 29.07
N LEU D 72 -18.51 35.48 28.35
CA LEU D 72 -18.31 35.21 26.89
C LEU D 72 -18.70 36.33 25.92
N ASP D 73 -19.67 37.20 26.26
CA ASP D 73 -20.03 38.35 25.38
C ASP D 73 -18.86 39.31 25.14
N ARG D 74 -17.84 39.29 26.03
CA ARG D 74 -16.58 40.08 25.89
C ARG D 74 -15.87 39.86 24.54
N ALA D 75 -15.95 38.64 24.00
CA ALA D 75 -15.39 38.29 22.66
C ALA D 75 -15.97 39.13 21.50
N LYS D 76 -17.29 39.43 21.57
CA LYS D 76 -18.00 40.29 20.61
C LYS D 76 -17.94 41.79 20.95
N THR D 77 -17.41 42.16 22.13
CA THR D 77 -17.34 43.53 22.62
C THR D 77 -16.02 44.21 22.26
N ALA D 78 -16.10 45.45 21.75
CA ALA D 78 -14.92 46.24 21.35
C ALA D 78 -14.40 47.05 22.54
N TYR D 79 -13.11 46.94 22.81
CA TYR D 79 -12.40 47.65 23.88
C TYR D 79 -11.24 48.36 23.27
N ILE D 80 -10.68 49.35 23.98
CA ILE D 80 -9.49 50.06 23.47
C ILE D 80 -8.34 49.02 23.38
N PRO D 81 -7.54 49.06 22.29
CA PRO D 81 -6.44 48.08 22.11
C PRO D 81 -5.32 48.20 23.14
N ALA D 82 -5.09 49.40 23.67
CA ALA D 82 -4.01 49.67 24.61
C ALA D 82 -2.62 49.39 24.04
N SER D 83 -1.75 48.70 24.79
CA SER D 83 -0.39 48.40 24.28
C SER D 83 -0.38 47.33 23.15
N THR D 84 -1.49 46.58 22.96
CA THR D 84 -1.61 45.61 21.85
C THR D 84 -1.63 46.35 20.48
N PHE D 85 -1.97 47.67 20.47
CA PHE D 85 -1.89 48.49 19.27
C PHE D 85 -0.41 48.65 18.74
N ILE D 87 1.69 46.56 18.01
CA ILE D 87 1.78 45.57 16.91
C ILE D 87 1.47 46.26 15.57
N ALA D 88 0.28 46.85 15.50
CA ALA D 88 -0.18 47.57 14.31
C ALA D 88 0.67 48.80 14.01
N ASN D 89 0.97 49.57 15.06
CA ASN D 89 1.79 50.78 14.98
C ASN D 89 3.18 50.49 14.35
N ALA D 90 3.87 49.50 14.91
CA ALA D 90 5.19 49.04 14.39
C ALA D 90 5.12 48.68 12.91
N LEU D 91 4.11 47.86 12.55
CA LEU D 91 3.86 47.45 11.15
C LEU D 91 3.67 48.65 10.23
N ILE D 92 2.79 49.56 10.63
CA ILE D 92 2.48 50.78 9.86
C ILE D 92 3.73 51.62 9.68
N GLY D 93 4.49 51.83 10.77
CA GLY D 93 5.71 52.62 10.75
C GLY D 93 6.78 52.09 9.78
N LEU D 94 7.09 50.79 9.91
CA LEU D 94 8.10 50.12 9.05
C LEU D 94 7.67 50.12 7.59
N GLU D 95 6.40 49.78 7.36
CA GLU D 95 5.79 49.76 6.02
C GLU D 95 5.94 51.09 5.31
N ASN D 96 5.72 52.19 6.04
CA ASN D 96 5.79 53.57 5.47
C ASN D 96 7.10 54.34 5.70
N HIS D 97 8.17 53.63 6.04
CA HIS D 97 9.53 54.18 6.22
C HIS D 97 9.67 55.33 7.27
N LYS D 98 8.83 55.29 8.30
CA LYS D 98 8.90 56.25 9.42
C LYS D 98 9.92 55.79 10.46
N ALA D 99 10.30 54.50 10.40
CA ALA D 99 11.31 53.92 11.26
C ALA D 99 11.86 52.63 10.68
N THR D 100 12.97 52.17 11.26
CA THR D 100 13.55 50.88 10.94
C THR D 100 13.53 50.12 12.26
N SER D 101 13.72 48.80 12.16
CA SER D 101 13.77 47.91 13.34
C SER D 101 15.10 48.03 14.13
N THR D 102 16.18 48.52 13.50
CA THR D 102 17.48 48.73 14.13
C THR D 102 17.71 50.17 14.64
N GLU D 103 16.82 51.11 14.25
CA GLU D 103 16.92 52.53 14.66
C GLU D 103 16.64 52.68 16.13
N ILE D 104 17.39 53.56 16.78
CA ILE D 104 17.28 53.83 18.21
C ILE D 104 16.53 55.16 18.48
N PHE D 105 15.50 55.09 19.32
CA PHE D 105 14.68 56.23 19.78
C PHE D 105 15.34 56.69 21.08
N LYS D 106 16.11 57.78 21.02
CA LYS D 106 16.89 58.29 22.16
C LYS D 106 15.97 58.87 23.22
N TRP D 107 16.30 58.66 24.50
CA TRP D 107 15.54 59.21 25.64
C TRP D 107 15.83 60.72 25.67
N ASP D 108 14.80 61.52 25.94
CA ASP D 108 14.91 63.01 26.02
C ASP D 108 15.35 63.59 27.39
N GLY D 109 15.52 62.72 28.39
CA GLY D 109 15.87 63.10 29.75
C GLY D 109 14.65 63.37 30.66
N LYS D 110 13.43 63.47 30.09
CA LYS D 110 12.22 63.76 30.86
C LYS D 110 11.75 62.43 31.48
N PRO D 111 11.72 62.32 32.85
CA PRO D 111 11.31 61.03 33.47
C PRO D 111 9.89 60.64 33.05
N ARG D 112 9.77 59.45 32.49
CA ARG D 112 8.52 58.86 31.99
C ARG D 112 7.77 58.15 33.13
N PHE D 113 6.57 57.64 32.83
CA PHE D 113 5.67 56.98 33.85
C PHE D 113 6.39 55.86 34.68
N PHE D 114 7.21 55.03 34.02
CA PHE D 114 8.05 54.01 34.67
C PHE D 114 9.52 54.36 34.48
N LYS D 115 10.33 54.24 35.55
CA LYS D 115 11.80 54.51 35.47
C LYS D 115 12.46 53.59 34.42
N ALA D 116 11.90 52.38 34.25
CA ALA D 116 12.29 51.43 33.17
C ALA D 116 12.35 52.08 31.79
N TRP D 117 11.39 52.97 31.51
CA TRP D 117 11.33 53.69 30.22
C TRP D 117 12.35 54.84 30.05
N ASP D 118 13.03 55.27 31.11
CA ASP D 118 14.05 56.35 31.06
C ASP D 118 15.35 55.78 30.49
N LYS D 119 15.29 55.48 29.18
CA LYS D 119 16.31 54.76 28.44
C LYS D 119 16.12 54.83 26.93
N ASP D 120 17.17 54.55 26.18
CA ASP D 120 17.11 54.51 24.70
C ASP D 120 16.52 53.15 24.29
N PHE D 121 15.77 53.12 23.19
CA PHE D 121 15.13 51.90 22.70
C PHE D 121 15.04 51.79 21.20
N THR D 122 15.06 50.53 20.73
CA THR D 122 14.74 50.18 19.37
C THR D 122 13.26 49.80 19.47
N LEU D 123 12.55 49.77 18.34
CA LEU D 123 11.11 49.40 18.33
C LEU D 123 10.85 48.03 18.97
N GLY D 124 11.74 47.06 18.74
CA GLY D 124 11.64 45.74 19.35
C GLY D 124 11.86 45.76 20.86
N GLU D 125 12.89 46.50 21.32
CA GLU D 125 13.17 46.64 22.77
C GLU D 125 12.00 47.36 23.49
N ALA D 126 11.50 48.43 22.84
CA ALA D 126 10.32 49.18 23.33
C ALA D 126 9.07 48.31 23.30
N MET D 127 8.95 47.43 22.28
CA MET D 127 7.84 46.48 22.18
C MET D 127 7.80 45.60 23.43
N GLN D 128 8.94 44.97 23.74
N GLN D 128 8.93 44.95 23.75
CA GLN D 128 9.11 44.13 24.95
CA GLN D 128 9.03 44.08 24.95
C GLN D 128 8.84 44.87 26.25
C GLN D 128 8.87 44.83 26.29
N ALA D 129 9.31 46.10 26.33
CA ALA D 129 9.15 46.96 27.53
C ALA D 129 7.79 47.74 27.61
N SER D 130 6.96 47.70 26.54
CA SER D 130 5.68 48.48 26.41
C SER D 130 5.93 49.99 26.56
N THR D 131 7.07 50.45 26.01
CA THR D 131 7.52 51.84 26.13
C THR D 131 6.61 52.73 25.28
N VAL D 132 5.57 53.23 25.95
CA VAL D 132 4.51 54.06 25.34
C VAL D 132 5.09 55.26 24.59
N PRO D 133 5.97 56.07 25.26
CA PRO D 133 6.57 57.28 24.61
C PRO D 133 7.27 57.01 23.26
N VAL D 134 7.93 55.87 23.12
CA VAL D 134 8.60 55.48 21.86
C VAL D 134 7.57 55.30 20.74
N TYR D 135 6.48 54.59 21.04
CA TYR D 135 5.39 54.37 20.04
C TYR D 135 4.57 55.65 19.81
N GLN D 136 4.51 56.53 20.81
CA GLN D 136 3.90 57.87 20.66
C GLN D 136 4.69 58.67 19.63
N GLU D 137 6.03 58.65 19.78
CA GLU D 137 6.95 59.28 18.82
C GLU D 137 6.71 58.70 17.43
N LEU D 138 6.61 57.36 17.34
CA LEU D 138 6.36 56.68 16.07
C LEU D 138 5.04 57.14 15.44
N ALA D 139 3.97 57.11 16.23
CA ALA D 139 2.62 57.57 15.76
C ALA D 139 2.68 59.00 15.21
N ARG D 140 3.33 59.89 15.97
CA ARG D 140 3.53 61.29 15.52
C ARG D 140 4.30 61.35 14.17
N ARG D 141 5.35 60.52 14.01
CA ARG D 141 6.09 60.42 12.74
C ARG D 141 5.19 59.97 11.60
N ILE D 142 4.28 59.01 11.88
CA ILE D 142 3.29 58.52 10.90
C ILE D 142 2.32 59.66 10.54
N GLY D 143 1.85 60.41 11.53
CA GLY D 143 0.91 61.52 11.30
C GLY D 143 -0.55 61.03 11.28
N PRO D 144 -1.53 61.94 11.54
CA PRO D 144 -2.95 61.50 11.61
C PRO D 144 -3.57 61.06 10.29
N SER D 145 -3.19 61.70 9.18
CA SER D 145 -3.69 61.37 7.83
C SER D 145 -3.31 59.93 7.44
N LEU D 146 -2.01 59.64 7.48
CA LEU D 146 -1.48 58.30 7.15
C LEU D 146 -1.99 57.22 8.11
N MET D 147 -2.02 57.52 9.42
CA MET D 147 -2.52 56.55 10.44
C MET D 147 -3.96 56.14 10.12
N GLN D 148 -4.81 57.14 9.81
CA GLN D 148 -6.22 56.93 9.45
C GLN D 148 -6.35 55.99 8.26
N SER D 149 -5.82 56.39 7.11
CA SER D 149 -5.90 55.60 5.86
C SER D 149 -5.37 54.17 6.02
N GLU D 150 -4.28 54.00 6.77
CA GLU D 150 -3.68 52.65 7.01
C GLU D 150 -4.60 51.79 7.81
N LEU D 151 -5.08 52.29 8.94
CA LEU D 151 -6.06 51.54 9.78
C LEU D 151 -7.32 51.19 8.96
N GLN D 152 -7.76 52.13 8.09
CA GLN D 152 -8.89 51.87 7.14
C GLN D 152 -8.53 50.77 6.14
N ARG D 153 -7.32 50.88 5.56
CA ARG D 153 -6.82 49.92 4.58
C ARG D 153 -6.81 48.50 5.16
N ILE D 154 -6.20 48.34 6.34
CA ILE D 154 -6.11 47.02 7.00
C ILE D 154 -7.35 46.59 7.80
N GLY D 155 -8.31 47.51 8.04
CA GLY D 155 -9.52 47.19 8.77
C GLY D 155 -9.29 46.88 10.25
N TYR D 156 -8.43 47.67 10.91
CA TYR D 156 -8.12 47.48 12.34
C TYR D 156 -9.26 48.05 13.22
N GLY D 157 -10.03 47.16 13.86
CA GLY D 157 -11.15 47.51 14.77
C GLY D 157 -12.16 48.46 14.17
N ASN D 158 -12.56 49.49 14.95
CA ASN D 158 -13.49 50.54 14.45
C ASN D 158 -12.81 51.62 13.58
N MET D 159 -11.46 51.58 13.48
CA MET D 159 -10.67 52.46 12.61
C MET D 159 -10.77 53.97 12.93
N GLN D 160 -11.14 54.33 14.16
CA GLN D 160 -11.29 55.72 14.59
C GLN D 160 -10.09 56.15 15.39
N ILE D 161 -9.48 57.29 15.04
CA ILE D 161 -8.33 57.86 15.80
C ILE D 161 -8.60 59.23 16.47
N GLY D 162 -9.74 59.87 16.17
CA GLY D 162 -10.06 61.16 16.76
C GLY D 162 -9.11 62.25 16.29
N THR D 163 -8.72 63.12 17.23
CA THR D 163 -7.85 64.29 16.96
C THR D 163 -6.41 64.23 17.51
N GLU D 164 -6.07 63.23 18.34
CA GLU D 164 -4.73 63.09 18.94
C GLU D 164 -4.14 61.78 18.45
N VAL D 165 -3.21 61.90 17.47
CA VAL D 165 -2.53 60.74 16.84
C VAL D 165 -1.65 59.88 17.78
N ASP D 166 -1.22 60.43 18.92
CA ASP D 166 -0.41 59.72 19.93
C ASP D 166 -1.20 59.30 21.21
N GLN D 167 -2.53 59.33 21.16
CA GLN D 167 -3.41 58.98 22.28
C GLN D 167 -4.57 58.01 22.05
N PHE D 168 -5.12 57.96 20.84
CA PHE D 168 -6.33 57.14 20.52
C PHE D 168 -6.42 55.68 21.03
N TRP D 169 -5.30 54.98 20.99
CA TRP D 169 -5.22 53.57 21.48
C TRP D 169 -5.21 53.46 23.02
N LEU D 170 -4.80 54.53 23.72
CA LEU D 170 -4.74 54.61 25.19
C LEU D 170 -6.01 55.15 25.87
N LYS D 171 -6.82 55.94 25.15
CA LYS D 171 -8.09 56.53 25.70
C LYS D 171 -9.31 56.52 24.74
N GLY D 172 -9.22 55.88 23.57
CA GLY D 172 -10.28 55.90 22.56
C GLY D 172 -10.03 57.12 21.64
N PRO D 173 -10.79 57.31 20.57
CA PRO D 173 -11.94 56.46 20.16
C PRO D 173 -11.67 55.06 19.55
N LEU D 174 -10.41 54.66 19.33
CA LEU D 174 -10.13 53.34 18.72
C LEU D 174 -10.51 52.20 19.64
N THR D 175 -11.30 51.27 19.12
CA THR D 175 -11.76 50.06 19.82
C THR D 175 -11.60 48.87 18.88
N ILE D 176 -11.48 47.70 19.48
CA ILE D 176 -11.29 46.43 18.76
C ILE D 176 -11.75 45.28 19.63
N THR D 177 -12.38 44.27 19.02
CA THR D 177 -12.88 43.11 19.76
C THR D 177 -11.78 42.07 19.90
N PRO D 178 -11.83 41.19 20.94
CA PRO D 178 -10.86 40.08 21.03
C PRO D 178 -10.84 39.15 19.78
N ILE D 179 -12.01 38.93 19.15
CA ILE D 179 -12.11 38.13 17.88
C ILE D 179 -11.29 38.83 16.78
N GLN D 180 -11.42 40.16 16.68
CA GLN D 180 -10.63 40.97 15.70
C GLN D 180 -9.12 40.91 15.98
N GLU D 181 -8.75 40.89 17.26
CA GLU D 181 -7.33 40.77 17.68
C GLU D 181 -6.74 39.43 17.22
N VAL D 182 -7.40 38.31 17.55
CA VAL D 182 -6.88 36.96 17.13
C VAL D 182 -6.77 36.79 15.62
N LYS D 183 -7.76 37.28 14.85
CA LYS D 183 -7.68 37.21 13.36
C LYS D 183 -6.51 38.06 12.86
N PHE D 184 -6.33 39.24 13.45
CA PHE D 184 -5.24 40.15 13.10
C PHE D 184 -3.84 39.57 13.43
N VAL D 185 -3.69 39.05 14.64
CA VAL D 185 -2.42 38.50 15.11
C VAL D 185 -2.11 37.11 14.45
N TYR D 186 -3.16 36.33 14.10
CA TYR D 186 -3.01 35.06 13.35
C TYR D 186 -2.42 35.32 11.99
N ASP D 187 -2.91 36.37 11.32
CA ASP D 187 -2.42 36.79 10.01
C ASP D 187 -0.96 37.23 10.08
N LEU D 188 -0.60 38.00 11.13
CA LEU D 188 0.82 38.38 11.34
C LEU D 188 1.70 37.14 11.35
N ALA D 189 1.28 36.13 12.14
CA ALA D 189 1.99 34.84 12.23
C ALA D 189 2.19 34.19 10.87
N GLN D 190 1.12 34.12 10.09
CA GLN D 190 1.15 33.52 8.75
C GLN D 190 1.68 34.41 7.63
N GLY D 191 2.09 35.66 7.91
CA GLY D 191 2.54 36.59 6.88
C GLY D 191 1.40 37.01 5.94
N GLN D 192 0.14 36.97 6.43
CA GLN D 192 -1.07 37.28 5.63
C GLN D 192 -1.64 38.67 5.76
N LEU D 193 -1.06 39.53 6.61
CA LEU D 193 -1.51 40.92 6.74
C LEU D 193 -1.08 41.68 5.48
N PRO D 194 -1.84 42.73 5.04
CA PRO D 194 -1.43 43.47 3.82
C PRO D 194 -0.23 44.43 4.12
N PHE D 195 0.95 43.80 4.27
CA PHE D 195 2.23 44.44 4.56
C PHE D 195 3.37 43.66 3.89
N LYS D 196 4.53 44.32 3.78
CA LYS D 196 5.72 43.70 3.18
C LYS D 196 6.13 42.45 4.01
N PRO D 197 6.53 41.34 3.35
CA PRO D 197 6.92 40.10 4.08
C PRO D 197 7.91 40.34 5.22
N GLU D 198 9.00 41.04 4.90
CA GLU D 198 10.07 41.41 5.86
C GLU D 198 9.55 42.33 7.00
N VAL D 199 8.55 43.18 6.73
CA VAL D 199 7.92 44.05 7.76
C VAL D 199 7.21 43.15 8.77
N GLN D 200 6.34 42.27 8.26
CA GLN D 200 5.60 41.28 9.09
C GLN D 200 6.54 40.40 9.91
N GLN D 201 7.61 39.93 9.25
CA GLN D 201 8.69 39.14 9.89
C GLN D 201 9.30 39.86 11.10
N GLN D 202 9.70 41.12 10.90
CA GLN D 202 10.33 41.95 11.96
C GLN D 202 9.43 42.15 13.17
N VAL D 203 8.20 42.56 12.94
CA VAL D 203 7.23 42.78 14.04
C VAL D 203 6.96 41.44 14.75
N LYS D 204 6.83 40.35 13.99
CA LYS D 204 6.59 39.03 14.55
C LYS D 204 7.62 38.73 15.63
N GLU D 205 8.91 38.77 15.27
CA GLU D 205 10.02 38.47 16.25
C GLU D 205 10.14 39.47 17.40
N MET D 206 9.64 40.70 17.24
CA MET D 206 9.55 41.66 18.36
C MET D 206 8.63 41.11 19.48
N LEU D 207 7.64 40.30 19.10
CA LEU D 207 6.68 39.67 20.02
C LEU D 207 7.10 38.32 20.60
N TYR D 208 8.21 37.74 20.15
CA TYR D 208 8.69 36.43 20.64
C TYR D 208 8.93 36.43 22.16
N VAL D 209 8.44 35.40 22.84
CA VAL D 209 8.54 35.27 24.32
C VAL D 209 9.44 34.11 24.72
N GLU D 210 9.03 32.91 24.32
CA GLU D 210 9.76 31.68 24.62
C GLU D 210 9.39 30.55 23.66
N ARG D 211 10.15 29.46 23.75
CA ARG D 211 9.86 28.24 22.98
C ARG D 211 9.95 27.02 23.88
N ARG D 212 9.21 25.97 23.53
CA ARG D 212 9.20 24.67 24.25
C ARG D 212 9.20 23.65 23.12
N GLY D 213 10.30 22.88 23.02
CA GLY D 213 10.52 21.92 21.92
C GLY D 213 10.75 22.86 20.75
N GLU D 214 9.99 22.68 19.66
CA GLU D 214 10.03 23.60 18.49
C GLU D 214 8.69 24.42 18.41
N ASN D 215 7.89 24.45 19.50
CA ASN D 215 6.65 25.26 19.60
C ASN D 215 7.07 26.58 20.18
N ARG D 216 6.75 27.67 19.48
CA ARG D 216 7.17 29.04 19.86
C ARG D 216 5.99 29.88 20.29
N LEU D 217 6.17 30.63 21.38
CA LEU D 217 5.16 31.54 21.92
C LEU D 217 5.51 32.97 21.57
N TYR D 218 4.56 33.65 20.91
CA TYR D 218 4.64 35.07 20.54
C TYR D 218 3.49 35.72 21.25
N ALA D 219 3.74 36.85 21.94
CA ALA D 219 2.67 37.53 22.72
C ALA D 219 2.93 39.00 23.03
N LYS D 220 1.83 39.70 23.36
CA LYS D 220 1.84 41.11 23.74
C LYS D 220 0.76 41.37 24.78
N SER D 221 1.17 42.02 25.87
CA SER D 221 0.27 42.40 26.97
C SER D 221 -0.24 43.82 26.73
N GLY D 222 -1.36 44.15 27.37
CA GLY D 222 -2.00 45.49 27.26
C GLY D 222 -2.84 45.81 28.47
N TRP D 223 -2.79 47.06 28.94
CA TRP D 223 -3.56 47.53 30.08
C TRP D 223 -4.07 48.94 29.77
N GLY D 224 -5.37 49.05 29.48
CA GLY D 224 -6.04 50.32 29.22
C GLY D 224 -6.33 50.89 30.61
N MET D 225 -5.33 51.59 31.15
CA MET D 225 -5.41 52.19 32.49
C MET D 225 -6.19 53.49 32.57
N ALA D 226 -6.23 54.24 31.45
CA ALA D 226 -6.89 55.57 31.39
C ALA D 226 -8.39 55.59 31.03
N VAL D 227 -9.09 54.45 31.15
CA VAL D 227 -10.51 54.33 30.82
C VAL D 227 -11.27 53.49 31.86
N ASP D 228 -12.57 53.77 32.01
CA ASP D 228 -13.46 53.08 32.91
C ASP D 228 -14.46 52.29 32.01
N PRO D 229 -14.51 50.94 32.07
CA PRO D 229 -13.68 50.09 32.90
C PRO D 229 -12.32 49.83 32.26
N GLN D 230 -11.31 49.59 33.10
CA GLN D 230 -9.96 49.29 32.63
C GLN D 230 -9.99 47.92 31.93
N VAL D 231 -9.29 47.82 30.79
CA VAL D 231 -9.26 46.59 29.98
C VAL D 231 -7.85 46.01 30.03
N GLY D 232 -7.78 44.68 30.19
CA GLY D 232 -6.53 43.92 30.27
C GLY D 232 -6.44 42.96 29.11
N TRP D 233 -5.34 42.99 28.38
CA TRP D 233 -5.11 42.16 27.22
C TRP D 233 -3.89 41.25 27.38
N TYR D 234 -3.96 40.11 26.70
CA TYR D 234 -2.80 39.23 26.54
C TYR D 234 -3.14 38.54 25.22
N VAL D 235 -2.53 39.03 24.14
CA VAL D 235 -2.77 38.62 22.79
C VAL D 235 -1.52 38.07 22.16
N GLY D 236 -1.67 37.00 21.36
CA GLY D 236 -0.53 36.37 20.70
C GLY D 236 -0.89 35.15 19.90
N PHE D 237 0.08 34.26 19.75
CA PHE D 237 -0.10 32.98 19.05
C PHE D 237 1.00 31.99 19.38
N VAL D 238 0.70 30.71 19.20
CA VAL D 238 1.64 29.63 19.42
C VAL D 238 1.88 29.04 18.04
N GLU D 239 3.15 29.05 17.62
CA GLU D 239 3.57 28.55 16.33
C GLU D 239 4.18 27.18 16.60
N LYS D 240 3.52 26.16 16.08
CA LYS D 240 3.97 24.79 16.22
C LYS D 240 4.89 24.48 15.06
N ALA D 241 6.01 23.85 15.34
CA ALA D 241 7.22 23.97 14.52
C ALA D 241 6.93 23.51 13.11
N ASP D 242 5.88 22.72 13.01
CA ASP D 242 5.37 22.19 11.76
C ASP D 242 4.93 23.27 10.80
N GLY D 243 4.13 24.21 11.28
CA GLY D 243 3.74 25.38 10.52
C GLY D 243 2.35 25.84 11.04
N GLN D 244 1.59 24.94 11.71
CA GLN D 244 0.27 25.19 12.29
C GLN D 244 0.33 26.21 13.41
N VAL D 245 -0.52 27.23 13.32
CA VAL D 245 -0.59 28.32 14.28
C VAL D 245 -1.95 28.31 14.99
N VAL D 246 -1.93 28.65 16.29
CA VAL D 246 -3.12 28.82 17.10
C VAL D 246 -2.93 30.20 17.75
N ALA D 247 -3.72 31.17 17.29
CA ALA D 247 -3.73 32.54 17.84
C ALA D 247 -4.64 32.58 19.04
N PHE D 248 -4.30 33.43 20.00
CA PHE D 248 -5.08 33.58 21.23
C PHE D 248 -5.20 35.04 21.67
N ALA D 249 -6.19 35.28 22.53
CA ALA D 249 -6.45 36.61 23.09
C ALA D 249 -7.23 36.55 24.40
N LEU D 250 -6.51 36.82 25.51
CA LEU D 250 -7.10 36.96 26.81
C LEU D 250 -7.55 38.41 26.87
N ASN D 251 -8.83 38.62 27.15
CA ASN D 251 -9.44 39.94 27.35
C ASN D 251 -10.19 39.86 28.65
N MET D 252 -9.82 40.71 29.61
CA MET D 252 -10.46 40.72 30.91
C MET D 252 -10.55 42.10 31.56
N GLN D 253 -11.35 42.12 32.62
CA GLN D 253 -11.58 43.28 33.43
C GLN D 253 -10.35 43.51 34.29
N MET D 254 -9.90 44.77 34.39
CA MET D 254 -8.77 45.14 35.24
C MET D 254 -9.23 46.17 36.27
N LYS D 255 -8.50 46.19 37.39
CA LYS D 255 -8.75 47.07 38.53
C LYS D 255 -7.42 47.56 39.04
N ALA D 256 -7.43 48.72 39.71
CA ALA D 256 -6.21 49.30 40.28
C ALA D 256 -5.66 48.34 41.34
N GLY D 257 -4.38 48.02 41.23
CA GLY D 257 -3.71 47.10 42.14
C GLY D 257 -3.82 45.62 41.84
N ASP D 258 -4.32 45.22 40.65
CA ASP D 258 -4.36 43.79 40.25
C ASP D 258 -2.95 43.27 39.97
N ASP D 259 -2.74 41.95 40.13
CA ASP D 259 -1.43 41.30 39.89
C ASP D 259 -1.05 41.41 38.41
N ILE D 260 0.00 42.20 38.12
CA ILE D 260 0.45 42.44 36.74
C ILE D 260 0.79 41.14 35.97
N ALA D 261 1.31 40.13 36.68
CA ALA D 261 1.66 38.83 36.07
C ALA D 261 0.49 37.88 35.77
N LEU D 262 -0.70 38.13 36.33
CA LEU D 262 -1.87 37.23 36.16
C LEU D 262 -2.26 36.96 34.70
N ARG D 263 -2.36 38.01 33.89
CA ARG D 263 -2.78 37.90 32.45
C ARG D 263 -1.98 36.86 31.65
N LYS D 264 -0.66 36.98 31.69
CA LYS D 264 0.24 36.03 31.02
C LYS D 264 0.04 34.64 31.63
N GLN D 265 0.19 34.58 32.96
CA GLN D 265 0.08 33.33 33.76
C GLN D 265 -1.22 32.58 33.50
N LEU D 266 -2.34 33.30 33.46
CA LEU D 266 -3.66 32.74 33.15
C LEU D 266 -3.65 32.19 31.73
N SER D 267 -3.19 33.02 30.78
CA SER D 267 -3.10 32.62 29.36
C SER D 267 -2.27 31.33 29.18
N LEU D 268 -1.11 31.25 29.85
CA LEU D 268 -0.26 30.02 29.76
C LEU D 268 -0.93 28.81 30.39
N ASP D 269 -1.64 29.02 31.52
CA ASP D 269 -2.41 27.94 32.17
C ASP D 269 -3.50 27.41 31.21
N VAL D 270 -4.14 28.31 30.45
CA VAL D 270 -5.17 27.92 29.46
C VAL D 270 -4.55 27.15 28.30
N LEU D 271 -3.49 27.73 27.72
CA LEU D 271 -2.73 27.12 26.59
C LEU D 271 -2.18 25.73 26.96
N ASP D 272 -1.81 25.54 28.24
CA ASP D 272 -1.36 24.25 28.77
C ASP D 272 -2.53 23.26 28.75
N LYS D 273 -3.64 23.64 29.36
CA LYS D 273 -4.84 22.77 29.44
C LYS D 273 -5.46 22.48 28.08
N LEU D 274 -5.38 23.42 27.15
CA LEU D 274 -5.86 23.20 25.76
C LEU D 274 -4.99 22.22 24.95
N GLY D 275 -3.73 21.99 25.37
CA GLY D 275 -2.80 21.14 24.65
C GLY D 275 -2.07 21.89 23.54
N VAL D 276 -2.21 23.22 23.48
CA VAL D 276 -1.57 24.05 22.48
C VAL D 276 -0.12 24.33 22.89
N PHE D 277 0.12 24.56 24.20
CA PHE D 277 1.45 24.93 24.73
C PHE D 277 1.67 24.38 26.15
N HIS D 278 2.06 23.10 26.20
CA HIS D 278 2.30 22.36 27.46
C HIS D 278 3.47 22.85 28.27
N TYR D 279 3.44 22.62 29.59
CA TYR D 279 4.56 23.00 30.49
C TYR D 279 5.71 21.98 30.44
#